data_1M3X
#
_entry.id   1M3X
#
_cell.length_a   141.800
_cell.length_b   141.800
_cell.length_c   187.500
_cell.angle_alpha   90.00
_cell.angle_beta   90.00
_cell.angle_gamma   120.00
#
_symmetry.space_group_name_H-M   'P 31 2 1'
#
loop_
_entity.id
_entity.type
_entity.pdbx_description
1 polymer 'Photosynthetic Reaction center protein L chain'
2 polymer 'Photosynthetic Reaction center protein M chain'
3 polymer 'Photosynthetic Reaction center protein H chain'
4 non-polymer 'BACTERIOCHLOROPHYLL A'
5 non-polymer 'BACTERIOPHEOPHYTIN A'
6 non-polymer UBIQUINONE-10
7 non-polymer 1,2-DIACYL-SN-GLYCERO-3-PHOSPHOCHOLINE
8 non-polymer 'FE (III) ION'
9 non-polymer 'CHLORIDE ION'
10 non-polymer SPHEROIDENE
11 non-polymer CARDIOLIPIN
12 non-polymer 'NONADEC-10-ENOIC ACID 2-[3,4-DIHYDROXY-6-HYDROXYMETHYL-5-(3,4,5-TRIHYDROXY-6-HYDROXYMETHYL-TETRAHYDRO-PYRAN-2-YLOXY)-TETRAHYDRO-PYRAN-2-YLOXY] -1-OCTADEC-9-ENOYLOXYMETHYL-ETHYL ESTER'
13 water water
#
loop_
_entity_poly.entity_id
_entity_poly.type
_entity_poly.pdbx_seq_one_letter_code
_entity_poly.pdbx_strand_id
1 'polypeptide(L)'
;ALLSFERKYRVPGGTLVGGNLFDFWVGPFYVGFFGVATFFFAALGIILIAWSAVLQGTWNPQLISVYPPALEYGLGGAPL
AKGGLWQIITICATGAFVSWALREVEICRKLGIGYHIPFAFAFAILAYLTLVLFRPVMMGAWGYAFPYGIWTHLDWVSNT
GYTYGNFHYNPAHMIAISFFFTNALALALHGALVLSAANPEKGKEMRTPDHEDTFFRDLVGYSIGTLGIHRLGLLLSLSA
VFFSALCMIITGTIWFDQWVDWWQWWVKLPWWANIPGGING
;
L
2 'polypeptide(L)'
;AEYQNIFSQVQVRGPADLGMTEDVNLANRSGVGPFSTLLGWFGNAQLGPIYLGSLGVLSLFSGLMWFFTIGIWFWYQAGW
NPAVFLRDLFFFSLEPPAPEYGLSFAAPLKEGGLWLIASFFMFVAVWSWWGRTYLRAQALGMGKHTAWAFLSAIWLWMVL
GFIRPILMGSWSEAVPYGIFSHLDWTNNFSLVHGNLFYNPFHGLSIAFLYGSALLFAMHGATILAVSRFGGERELEQIAD
RGTAAERAALFWRWTMGFNATMEGIHRWAIWMAVLVTLTGGIGILLSGTVVDNWYVWGQNHGMAPLN
;
M
3 'polypeptide(L)'
;MVGVTAFGNFDLASLAIYSFWIFLAGLIYYLQTENMREGYPLENEDGTPAANQGPFPLPKPKTFILPHGRGTLTVPGPES
EDRPIALARTAVSEGFPHAPTGDPMKDGVGPASWVARRDLPELDGHGHNKIKPMKAAAGFHVSAGKNPIGLPVRGCDLEI
AGKVVDIWVDIPEQMARFLEVELKDGSTRLLPMQMVKVQSNRVHVNALSSDLFAGIPTIKSPTEVTLLEEDKICGYVAGG
LMYAAPKRKSVVAAMLAEYA
;
H
#
# COMPACT_ATOMS: atom_id res chain seq x y z
N ALA A 1 26.85 4.17 12.74
CA ALA A 1 25.67 5.07 12.81
C ALA A 1 25.16 5.49 11.42
N LEU A 2 25.96 5.29 10.38
CA LEU A 2 25.55 5.63 9.02
C LEU A 2 25.52 4.41 8.12
N LEU A 3 24.56 4.38 7.18
CA LEU A 3 24.51 3.28 6.22
C LEU A 3 25.70 3.57 5.30
N SER A 4 26.25 2.53 4.68
CA SER A 4 27.41 2.69 3.80
C SER A 4 27.32 3.82 2.76
N PHE A 5 26.14 4.09 2.24
CA PHE A 5 25.95 5.13 1.20
C PHE A 5 25.34 6.43 1.70
N GLU A 6 25.21 6.54 3.01
CA GLU A 6 24.56 7.69 3.62
C GLU A 6 25.23 9.05 3.65
N ARG A 7 26.54 9.11 3.90
CA ARG A 7 27.20 10.41 4.02
C ARG A 7 26.92 11.48 2.98
N LYS A 8 26.90 11.11 1.70
CA LYS A 8 26.66 12.09 0.64
C LYS A 8 25.31 12.78 0.70
N TYR A 9 24.38 12.22 1.45
CA TYR A 9 23.05 12.82 1.57
C TYR A 9 22.88 13.74 2.77
N ARG A 10 23.77 13.63 3.75
CA ARG A 10 23.66 14.47 4.94
C ARG A 10 24.23 15.87 4.77
N VAL A 11 23.62 16.66 3.92
CA VAL A 11 24.08 18.03 3.68
C VAL A 11 23.17 19.00 4.42
N PRO A 12 23.57 20.26 4.53
CA PRO A 12 22.73 21.26 5.23
C PRO A 12 21.53 21.66 4.35
N GLY A 13 20.51 22.25 4.97
CA GLY A 13 19.36 22.70 4.20
C GLY A 13 18.11 21.86 4.22
N GLY A 14 16.99 22.47 3.81
CA GLY A 14 15.72 21.78 3.77
C GLY A 14 14.75 22.14 4.89
N THR A 15 15.27 22.67 5.99
CA THR A 15 14.44 23.04 7.13
C THR A 15 13.41 24.11 6.78
N LEU A 16 12.29 24.09 7.49
CA LEU A 16 11.21 25.05 7.29
C LEU A 16 11.28 26.14 8.36
N VAL A 17 11.88 25.82 9.50
CA VAL A 17 11.97 26.76 10.60
C VAL A 17 13.29 26.66 11.34
N GLY A 18 13.78 27.80 11.82
CA GLY A 18 15.01 27.83 12.58
C GLY A 18 16.30 27.64 11.82
N GLY A 19 16.26 27.85 10.50
CA GLY A 19 17.47 27.69 9.71
C GLY A 19 18.30 26.46 10.02
N ASN A 20 19.50 26.66 10.54
CA ASN A 20 20.40 25.55 10.84
C ASN A 20 20.45 25.19 12.32
N LEU A 21 19.62 25.85 13.10
CA LEU A 21 19.57 25.64 14.54
C LEU A 21 19.41 24.18 14.95
N PHE A 22 18.41 23.52 14.38
CA PHE A 22 18.14 22.12 14.71
C PHE A 22 18.44 21.16 13.56
N ASP A 23 19.24 21.63 12.61
CA ASP A 23 19.59 20.84 11.45
C ASP A 23 20.72 19.84 11.75
N PHE A 24 20.36 18.73 12.40
CA PHE A 24 21.32 17.70 12.73
C PHE A 24 20.62 16.39 13.05
N TRP A 25 21.40 15.33 13.23
CA TRP A 25 20.87 14.01 13.54
C TRP A 25 21.30 13.53 14.93
N VAL A 26 20.57 12.57 15.46
CA VAL A 26 20.88 11.94 16.73
C VAL A 26 20.81 10.45 16.36
N GLY A 27 21.95 9.83 16.15
CA GLY A 27 21.95 8.44 15.73
C GLY A 27 21.35 8.46 14.33
N PRO A 28 20.42 7.56 14.00
CA PRO A 28 19.83 7.57 12.65
C PRO A 28 18.73 8.62 12.49
N PHE A 29 18.24 9.12 13.62
CA PHE A 29 17.15 10.09 13.62
C PHE A 29 17.48 11.52 13.21
N TYR A 30 16.67 12.08 12.32
CA TYR A 30 16.86 13.47 11.94
C TYR A 30 16.07 14.26 12.98
N VAL A 31 16.54 15.43 13.36
CA VAL A 31 15.83 16.20 14.36
C VAL A 31 15.00 17.32 13.75
N GLY A 32 15.61 18.48 13.55
CA GLY A 32 14.88 19.61 13.00
C GLY A 32 13.99 20.23 14.08
N PHE A 33 13.46 21.40 13.80
CA PHE A 33 12.60 22.08 14.75
C PHE A 33 11.42 21.20 15.18
N PHE A 34 10.78 20.56 14.20
CA PHE A 34 9.63 19.71 14.47
C PHE A 34 9.99 18.40 15.14
N GLY A 35 11.28 18.06 15.19
CA GLY A 35 11.67 16.86 15.88
C GLY A 35 11.61 17.23 17.35
N VAL A 36 12.06 18.45 17.64
CA VAL A 36 12.06 18.97 19.00
C VAL A 36 10.62 19.15 19.47
N ALA A 37 9.76 19.64 18.56
CA ALA A 37 8.36 19.83 18.87
C ALA A 37 7.63 18.55 19.24
N THR A 38 7.78 17.50 18.44
CA THR A 38 7.06 16.28 18.78
C THR A 38 7.59 15.67 20.07
N PHE A 39 8.87 15.87 20.37
CA PHE A 39 9.42 15.33 21.60
C PHE A 39 8.73 16.01 22.79
N PHE A 40 8.57 17.32 22.69
CA PHE A 40 7.92 18.11 23.71
C PHE A 40 6.49 17.59 23.92
N PHE A 41 5.67 17.66 22.87
CA PHE A 41 4.28 17.22 22.94
C PHE A 41 4.11 15.78 23.41
N ALA A 42 5.03 14.91 23.01
CA ALA A 42 4.95 13.50 23.39
C ALA A 42 5.29 13.28 24.84
N ALA A 43 6.34 13.96 25.32
CA ALA A 43 6.75 13.82 26.70
C ALA A 43 5.65 14.34 27.61
N LEU A 44 5.17 15.53 27.31
CA LEU A 44 4.11 16.14 28.08
C LEU A 44 2.88 15.22 28.10
N GLY A 45 2.55 14.68 26.94
CA GLY A 45 1.40 13.80 26.84
C GLY A 45 1.56 12.52 27.67
N ILE A 46 2.75 11.94 27.67
CA ILE A 46 2.98 10.72 28.43
C ILE A 46 2.90 11.02 29.93
N ILE A 47 3.41 12.19 30.31
CA ILE A 47 3.38 12.59 31.70
C ILE A 47 1.93 12.69 32.19
N LEU A 48 1.09 13.32 31.40
CA LEU A 48 -0.32 13.46 31.77
C LEU A 48 -1.05 12.13 31.80
N ILE A 49 -0.51 11.13 31.10
CA ILE A 49 -1.14 9.81 31.08
C ILE A 49 -0.81 9.15 32.42
N ALA A 50 0.42 9.35 32.87
CA ALA A 50 0.89 8.78 34.13
C ALA A 50 0.10 9.39 35.30
N TRP A 51 -0.07 10.70 35.26
CA TRP A 51 -0.81 11.41 36.29
C TRP A 51 -2.23 10.84 36.34
N SER A 52 -2.83 10.69 35.16
CA SER A 52 -4.17 10.14 35.07
C SER A 52 -4.22 8.73 35.67
N ALA A 53 -3.11 8.01 35.57
CA ALA A 53 -3.02 6.66 36.10
C ALA A 53 -3.12 6.64 37.62
N VAL A 54 -2.47 7.59 38.29
CA VAL A 54 -2.52 7.63 39.74
C VAL A 54 -3.91 8.02 40.24
N LEU A 55 -4.53 8.98 39.57
CA LEU A 55 -5.88 9.41 39.94
C LEU A 55 -6.88 8.27 39.82
N GLN A 56 -6.57 7.30 38.95
CA GLN A 56 -7.46 6.15 38.74
C GLN A 56 -7.14 5.05 39.74
N GLY A 57 -5.89 5.01 40.19
CA GLY A 57 -5.50 4.02 41.16
C GLY A 57 -4.95 2.74 40.59
N THR A 58 -4.39 2.79 39.39
CA THR A 58 -3.84 1.60 38.77
C THR A 58 -2.71 1.91 37.79
N TRP A 59 -1.71 1.03 37.76
CA TRP A 59 -0.58 1.18 36.86
C TRP A 59 -0.60 0.06 35.84
N ASN A 60 -1.72 -0.64 35.77
CA ASN A 60 -1.87 -1.73 34.82
C ASN A 60 -2.26 -1.18 33.45
N PRO A 61 -1.41 -1.40 32.44
CA PRO A 61 -1.63 -0.93 31.06
C PRO A 61 -2.99 -1.33 30.49
N GLN A 62 -3.44 -2.52 30.84
CA GLN A 62 -4.71 -3.00 30.35
C GLN A 62 -5.89 -2.39 31.09
N LEU A 63 -5.61 -1.58 32.11
CA LEU A 63 -6.69 -0.93 32.87
C LEU A 63 -6.67 0.58 32.74
N ILE A 64 -5.50 1.19 32.60
CA ILE A 64 -5.40 2.64 32.47
C ILE A 64 -6.41 3.11 31.42
N SER A 65 -7.07 4.24 31.67
CA SER A 65 -8.04 4.73 30.71
C SER A 65 -8.42 6.18 30.98
N VAL A 66 -8.08 7.06 30.04
CA VAL A 66 -8.39 8.48 30.18
C VAL A 66 -9.69 8.78 29.44
N TYR A 67 -10.75 9.08 30.19
CA TYR A 67 -12.04 9.39 29.59
C TYR A 67 -12.25 10.86 29.31
N PRO A 68 -13.06 11.17 28.30
CA PRO A 68 -13.33 12.56 27.98
C PRO A 68 -14.39 13.12 28.94
N PRO A 69 -14.66 14.43 28.88
CA PRO A 69 -15.66 15.04 29.77
C PRO A 69 -17.03 14.39 29.55
N ALA A 70 -17.83 14.28 30.61
CA ALA A 70 -19.16 13.71 30.48
C ALA A 70 -20.01 14.66 29.64
N LEU A 71 -21.06 14.13 29.02
CA LEU A 71 -21.92 14.93 28.16
C LEU A 71 -22.38 16.24 28.79
N GLU A 72 -22.68 16.19 30.07
CA GLU A 72 -23.14 17.38 30.80
C GLU A 72 -22.22 18.59 30.59
N TYR A 73 -20.92 18.36 30.44
CA TYR A 73 -19.96 19.45 30.24
C TYR A 73 -20.02 20.10 28.86
N GLY A 74 -20.78 19.50 27.95
CA GLY A 74 -20.89 20.04 26.61
C GLY A 74 -19.54 20.18 25.91
N LEU A 75 -19.32 21.32 25.28
CA LEU A 75 -18.07 21.59 24.59
C LEU A 75 -17.18 22.54 25.37
N GLY A 76 -17.30 22.53 26.69
CA GLY A 76 -16.48 23.41 27.48
C GLY A 76 -15.43 22.63 28.23
N GLY A 77 -14.57 23.34 28.97
CA GLY A 77 -13.52 22.70 29.75
C GLY A 77 -14.08 21.88 30.91
N ALA A 78 -13.24 21.07 31.54
CA ALA A 78 -13.69 20.25 32.65
C ALA A 78 -12.55 20.00 33.62
N PRO A 79 -12.88 19.67 34.88
CA PRO A 79 -11.84 19.42 35.88
C PRO A 79 -10.93 18.29 35.39
N LEU A 80 -9.63 18.42 35.67
CA LEU A 80 -8.68 17.41 35.23
C LEU A 80 -9.17 16.00 35.48
N ALA A 81 -9.55 15.72 36.72
CA ALA A 81 -10.01 14.40 37.10
C ALA A 81 -11.27 13.94 36.38
N LYS A 82 -12.00 14.87 35.77
CA LYS A 82 -13.21 14.51 35.05
C LYS A 82 -13.29 14.96 33.59
N GLY A 83 -12.27 14.61 32.81
CA GLY A 83 -12.26 14.97 31.40
C GLY A 83 -11.25 16.01 30.98
N GLY A 84 -10.71 16.76 31.94
CA GLY A 84 -9.74 17.79 31.63
C GLY A 84 -8.43 17.23 31.12
N LEU A 85 -7.94 16.16 31.75
CA LEU A 85 -6.69 15.56 31.32
C LEU A 85 -6.82 15.04 29.88
N TRP A 86 -7.98 14.47 29.59
CA TRP A 86 -8.25 13.93 28.27
C TRP A 86 -8.20 15.04 27.23
N GLN A 87 -8.68 16.22 27.60
CA GLN A 87 -8.69 17.36 26.70
C GLN A 87 -7.27 17.87 26.40
N ILE A 88 -6.43 17.92 27.42
CA ILE A 88 -5.06 18.39 27.24
C ILE A 88 -4.25 17.36 26.47
N ILE A 89 -4.39 16.09 26.85
CA ILE A 89 -3.69 15.02 26.16
C ILE A 89 -4.04 15.03 24.67
N THR A 90 -5.32 15.26 24.36
CA THR A 90 -5.75 15.33 22.98
C THR A 90 -5.06 16.48 22.26
N ILE A 91 -4.83 17.59 22.95
CA ILE A 91 -4.14 18.73 22.35
C ILE A 91 -2.72 18.27 22.03
N CYS A 92 -2.10 17.57 22.99
CA CYS A 92 -0.74 17.08 22.82
C CYS A 92 -0.60 16.06 21.71
N ALA A 93 -1.57 15.16 21.60
CA ALA A 93 -1.54 14.14 20.57
C ALA A 93 -1.58 14.83 19.21
N THR A 94 -2.54 15.72 19.03
CA THR A 94 -2.67 16.45 17.79
C THR A 94 -1.39 17.22 17.46
N GLY A 95 -0.77 17.77 18.50
CA GLY A 95 0.46 18.53 18.31
C GLY A 95 1.59 17.62 17.87
N ALA A 96 1.62 16.42 18.43
CA ALA A 96 2.67 15.46 18.09
C ALA A 96 2.49 14.92 16.67
N PHE A 97 1.25 14.67 16.26
CA PHE A 97 0.97 14.13 14.93
C PHE A 97 1.32 15.13 13.82
N VAL A 98 0.83 16.35 13.96
CA VAL A 98 1.11 17.40 12.98
C VAL A 98 2.61 17.70 12.91
N SER A 99 3.28 17.74 14.05
CA SER A 99 4.72 18.01 14.08
C SER A 99 5.48 16.90 13.35
N TRP A 100 5.03 15.67 13.55
CA TRP A 100 5.65 14.53 12.92
C TRP A 100 5.52 14.65 11.41
N ALA A 101 4.36 15.11 10.95
CA ALA A 101 4.14 15.26 9.52
C ALA A 101 5.03 16.35 8.94
N LEU A 102 5.14 17.48 9.63
CA LEU A 102 5.97 18.58 9.14
C LEU A 102 7.45 18.21 9.15
N ARG A 103 7.81 17.31 10.07
CA ARG A 103 9.19 16.86 10.17
C ARG A 103 9.50 16.02 8.92
N GLU A 104 8.51 15.25 8.48
CA GLU A 104 8.69 14.44 7.28
C GLU A 104 8.86 15.36 6.05
N VAL A 105 8.17 16.48 6.06
CA VAL A 105 8.27 17.43 4.96
C VAL A 105 9.70 17.96 4.87
N GLU A 106 10.32 18.20 6.03
CA GLU A 106 11.69 18.70 6.03
C GLU A 106 12.64 17.61 5.51
N ILE A 107 12.37 16.36 5.88
CA ILE A 107 13.21 15.26 5.43
C ILE A 107 13.09 15.10 3.91
N CYS A 108 11.90 15.40 3.37
CA CYS A 108 11.68 15.32 1.92
C CYS A 108 12.48 16.39 1.20
N ARG A 109 12.49 17.60 1.75
CA ARG A 109 13.21 18.69 1.12
C ARG A 109 14.70 18.45 1.06
N LYS A 110 15.25 17.88 2.13
CA LYS A 110 16.68 17.63 2.16
C LYS A 110 17.04 16.52 1.17
N LEU A 111 16.16 15.53 1.03
CA LEU A 111 16.41 14.42 0.11
C LEU A 111 16.00 14.69 -1.34
N GLY A 112 15.37 15.83 -1.59
CA GLY A 112 14.95 16.13 -2.95
C GLY A 112 13.88 15.22 -3.52
N ILE A 113 13.04 14.64 -2.67
CA ILE A 113 11.97 13.76 -3.15
C ILE A 113 10.60 14.41 -3.01
N GLY A 114 9.57 13.74 -3.55
CA GLY A 114 8.21 14.24 -3.48
C GLY A 114 7.63 14.20 -2.08
N TYR A 115 6.52 14.90 -1.89
CA TYR A 115 5.86 14.98 -0.57
C TYR A 115 4.69 14.01 -0.37
N HIS A 116 4.65 12.95 -1.18
CA HIS A 116 3.57 11.98 -1.08
C HIS A 116 3.40 11.33 0.27
N ILE A 117 4.50 11.03 0.95
CA ILE A 117 4.40 10.38 2.26
C ILE A 117 3.68 11.24 3.32
N PRO A 118 4.21 12.43 3.65
CA PRO A 118 3.50 13.22 4.66
C PRO A 118 2.06 13.51 4.23
N PHE A 119 1.85 13.65 2.92
CA PHE A 119 0.52 13.90 2.38
C PHE A 119 -0.44 12.74 2.74
N ALA A 120 0.05 11.52 2.60
CA ALA A 120 -0.75 10.36 2.92
C ALA A 120 -0.98 10.25 4.42
N PHE A 121 0.02 10.65 5.21
CA PHE A 121 -0.12 10.58 6.65
C PHE A 121 -1.20 11.52 7.13
N ALA A 122 -1.36 12.66 6.46
CA ALA A 122 -2.36 13.64 6.85
C ALA A 122 -3.76 13.03 6.85
N PHE A 123 -3.96 12.00 6.04
CA PHE A 123 -5.26 11.36 5.99
C PHE A 123 -5.54 10.59 7.28
N ALA A 124 -4.48 10.10 7.92
CA ALA A 124 -4.65 9.37 9.17
C ALA A 124 -4.97 10.41 10.26
N ILE A 125 -4.25 11.52 10.25
CA ILE A 125 -4.47 12.61 11.20
C ILE A 125 -5.94 12.99 11.13
N LEU A 126 -6.42 13.16 9.90
CA LEU A 126 -7.79 13.57 9.64
C LEU A 126 -8.84 12.61 10.22
N ALA A 127 -8.59 11.31 10.12
CA ALA A 127 -9.54 10.33 10.65
C ALA A 127 -9.60 10.48 12.15
N TYR A 128 -8.43 10.66 12.77
CA TYR A 128 -8.33 10.84 14.21
C TYR A 128 -9.08 12.10 14.66
N LEU A 129 -8.82 13.22 13.99
CA LEU A 129 -9.46 14.48 14.34
C LEU A 129 -10.97 14.42 14.13
N THR A 130 -11.43 13.56 13.23
CA THR A 130 -12.85 13.43 12.99
C THR A 130 -13.54 12.82 14.22
N LEU A 131 -12.87 11.84 14.83
CA LEU A 131 -13.41 11.16 16.00
C LEU A 131 -13.32 11.91 17.32
N VAL A 132 -12.25 12.68 17.52
CA VAL A 132 -12.08 13.41 18.76
C VAL A 132 -12.35 14.90 18.68
N LEU A 133 -12.57 15.41 17.48
CA LEU A 133 -12.80 16.84 17.34
C LEU A 133 -13.99 17.22 16.49
N PHE A 134 -13.98 16.84 15.22
CA PHE A 134 -15.06 17.21 14.32
C PHE A 134 -16.44 16.68 14.68
N ARG A 135 -16.54 15.37 14.88
CA ARG A 135 -17.83 14.79 15.20
C ARG A 135 -18.35 15.33 16.54
N PRO A 136 -17.51 15.32 17.60
CA PRO A 136 -17.91 15.82 18.91
C PRO A 136 -18.41 17.28 18.88
N VAL A 137 -17.64 18.15 18.23
CA VAL A 137 -18.04 19.54 18.13
C VAL A 137 -19.36 19.69 17.40
N MET A 138 -19.58 18.85 16.39
CA MET A 138 -20.83 18.92 15.64
C MET A 138 -22.00 18.35 16.44
N MET A 139 -21.69 17.46 17.37
CA MET A 139 -22.73 16.84 18.20
C MET A 139 -22.98 17.62 19.48
N GLY A 140 -22.09 18.54 19.81
CA GLY A 140 -22.28 19.35 20.99
C GLY A 140 -21.55 19.00 22.27
N ALA A 141 -20.79 17.92 22.30
CA ALA A 141 -20.09 17.56 23.53
C ALA A 141 -18.87 16.68 23.29
N TRP A 142 -17.78 16.96 24.01
CA TRP A 142 -16.56 16.17 23.89
C TRP A 142 -16.84 14.74 24.31
N GLY A 143 -17.91 14.55 25.08
CA GLY A 143 -18.26 13.23 25.58
C GLY A 143 -18.47 12.15 24.52
N TYR A 144 -18.74 12.55 23.28
CA TYR A 144 -18.94 11.60 22.20
C TYR A 144 -17.63 11.03 21.65
N ALA A 145 -16.51 11.68 22.01
CA ALA A 145 -15.19 11.23 21.58
C ALA A 145 -14.90 9.90 22.25
N PHE A 146 -13.82 9.24 21.86
CA PHE A 146 -13.48 7.94 22.43
C PHE A 146 -12.42 8.06 23.54
N PRO A 147 -12.44 7.14 24.51
CA PRO A 147 -11.50 7.13 25.63
C PRO A 147 -10.15 6.52 25.27
N TYR A 148 -9.08 7.02 25.88
CA TYR A 148 -7.76 6.49 25.60
C TYR A 148 -7.43 5.36 26.53
N GLY A 149 -7.72 4.15 26.08
CA GLY A 149 -7.44 2.98 26.87
C GLY A 149 -7.48 1.80 25.91
N ILE A 150 -6.58 0.85 26.11
CA ILE A 150 -6.49 -0.32 25.24
C ILE A 150 -7.81 -1.06 25.04
N TRP A 151 -8.50 -1.39 26.12
CA TRP A 151 -9.76 -2.09 25.95
C TRP A 151 -10.97 -1.16 26.00
N THR A 152 -10.86 -0.07 26.76
CA THR A 152 -11.98 0.85 26.87
C THR A 152 -12.33 1.46 25.52
N HIS A 153 -11.33 1.72 24.68
CA HIS A 153 -11.65 2.31 23.37
C HIS A 153 -12.38 1.30 22.48
N LEU A 154 -12.22 0.00 22.75
CA LEU A 154 -12.94 -0.99 21.97
C LEU A 154 -14.40 -1.02 22.43
N ASP A 155 -14.62 -0.75 23.72
CA ASP A 155 -15.98 -0.74 24.26
C ASP A 155 -16.73 0.39 23.59
N TRP A 156 -16.04 1.52 23.40
CA TRP A 156 -16.62 2.69 22.76
C TRP A 156 -17.06 2.36 21.34
N VAL A 157 -16.20 1.66 20.61
CA VAL A 157 -16.50 1.27 19.25
C VAL A 157 -17.77 0.43 19.27
N SER A 158 -17.78 -0.55 20.17
CA SER A 158 -18.90 -1.44 20.30
C SER A 158 -20.21 -0.72 20.68
N ASN A 159 -20.15 0.11 21.71
CA ASN A 159 -21.34 0.83 22.15
C ASN A 159 -21.83 1.81 21.10
N THR A 160 -20.89 2.54 20.48
CA THR A 160 -21.24 3.52 19.46
C THR A 160 -21.90 2.84 18.26
N GLY A 161 -21.34 1.71 17.85
CA GLY A 161 -21.90 1.00 16.72
C GLY A 161 -23.33 0.56 16.99
N TYR A 162 -23.52 -0.17 18.07
CA TYR A 162 -24.84 -0.67 18.44
C TYR A 162 -25.89 0.38 18.75
N THR A 163 -25.46 1.61 19.01
CA THR A 163 -26.39 2.70 19.27
C THR A 163 -27.29 2.92 18.04
N TYR A 164 -26.85 2.42 16.89
CA TYR A 164 -27.60 2.57 15.64
C TYR A 164 -27.93 1.21 15.07
N GLY A 165 -28.05 0.21 15.94
CA GLY A 165 -28.34 -1.12 15.49
C GLY A 165 -27.07 -1.74 14.95
N ASN A 166 -27.19 -2.56 13.91
CA ASN A 166 -26.01 -3.16 13.31
C ASN A 166 -25.40 -2.10 12.41
N PHE A 167 -24.23 -1.60 12.81
CA PHE A 167 -23.54 -0.55 12.06
C PHE A 167 -23.20 -0.96 10.64
N HIS A 168 -23.23 -2.27 10.38
CA HIS A 168 -22.96 -2.82 9.05
C HIS A 168 -23.78 -2.11 7.98
N TYR A 169 -24.93 -1.58 8.37
CA TYR A 169 -25.82 -0.92 7.43
C TYR A 169 -25.49 0.51 7.06
N ASN A 170 -24.46 1.08 7.67
CA ASN A 170 -24.03 2.42 7.33
C ASN A 170 -23.46 2.24 5.91
N PRO A 171 -24.06 2.89 4.90
CA PRO A 171 -23.58 2.74 3.52
C PRO A 171 -22.14 3.20 3.28
N ALA A 172 -21.71 4.26 3.97
CA ALA A 172 -20.35 4.76 3.81
C ALA A 172 -19.38 3.77 4.47
N HIS A 173 -19.89 3.04 5.46
CA HIS A 173 -19.10 2.05 6.20
C HIS A 173 -18.85 0.87 5.27
N MET A 174 -19.83 0.58 4.41
CA MET A 174 -19.69 -0.51 3.46
C MET A 174 -18.61 -0.19 2.43
N ILE A 175 -18.63 1.03 1.89
CA ILE A 175 -17.64 1.47 0.92
C ILE A 175 -16.24 1.35 1.54
N ALA A 176 -16.10 1.88 2.75
CA ALA A 176 -14.85 1.84 3.47
C ALA A 176 -14.28 0.44 3.66
N ILE A 177 -15.12 -0.50 4.05
CA ILE A 177 -14.67 -1.87 4.26
C ILE A 177 -14.15 -2.46 2.94
N SER A 178 -14.85 -2.14 1.86
CA SER A 178 -14.48 -2.62 0.53
C SER A 178 -13.06 -2.19 0.15
N PHE A 179 -12.75 -0.94 0.42
CA PHE A 179 -11.42 -0.44 0.13
C PHE A 179 -10.39 -1.11 1.03
N PHE A 180 -10.72 -1.30 2.31
CA PHE A 180 -9.78 -1.94 3.22
C PHE A 180 -9.48 -3.36 2.73
N PHE A 181 -10.53 -4.09 2.38
CA PHE A 181 -10.39 -5.45 1.91
C PHE A 181 -9.62 -5.52 0.59
N THR A 182 -9.96 -4.63 -0.34
CA THR A 182 -9.32 -4.59 -1.64
C THR A 182 -7.85 -4.20 -1.51
N ASN A 183 -7.55 -3.27 -0.62
CA ASN A 183 -6.19 -2.84 -0.41
C ASN A 183 -5.31 -4.01 0.06
N ALA A 184 -5.82 -4.81 0.99
CA ALA A 184 -5.04 -5.95 1.49
C ALA A 184 -4.80 -6.94 0.36
N LEU A 185 -5.83 -7.14 -0.46
CA LEU A 185 -5.74 -8.03 -1.60
C LEU A 185 -4.60 -7.53 -2.52
N ALA A 186 -4.65 -6.25 -2.86
CA ALA A 186 -3.66 -5.64 -3.73
C ALA A 186 -2.23 -5.69 -3.13
N LEU A 187 -2.11 -5.46 -1.83
CA LEU A 187 -0.80 -5.49 -1.19
C LEU A 187 -0.22 -6.89 -1.24
N ALA A 188 -1.06 -7.91 -1.05
CA ALA A 188 -0.59 -9.30 -1.10
C ALA A 188 -0.09 -9.64 -2.49
N LEU A 189 -0.83 -9.18 -3.51
CA LEU A 189 -0.45 -9.43 -4.89
C LEU A 189 0.82 -8.71 -5.27
N HIS A 190 0.91 -7.42 -4.95
CA HIS A 190 2.11 -6.69 -5.30
C HIS A 190 3.33 -7.33 -4.66
N GLY A 191 3.22 -7.67 -3.38
CA GLY A 191 4.32 -8.29 -2.68
C GLY A 191 4.72 -9.61 -3.32
N ALA A 192 3.72 -10.41 -3.65
CA ALA A 192 3.96 -11.71 -4.26
C ALA A 192 4.54 -11.59 -5.68
N LEU A 193 4.05 -10.62 -6.46
CA LEU A 193 4.54 -10.46 -7.83
C LEU A 193 6.02 -10.13 -7.90
N VAL A 194 6.43 -9.05 -7.25
CA VAL A 194 7.82 -8.63 -7.25
C VAL A 194 8.74 -9.75 -6.72
N LEU A 195 8.33 -10.42 -5.66
CA LEU A 195 9.16 -11.49 -5.10
C LEU A 195 9.29 -12.70 -6.02
N SER A 196 8.20 -13.08 -6.69
CA SER A 196 8.23 -14.24 -7.58
C SER A 196 9.09 -13.96 -8.82
N ALA A 197 9.33 -12.69 -9.10
CA ALA A 197 10.16 -12.33 -10.25
C ALA A 197 11.62 -12.25 -9.80
N ALA A 198 11.86 -11.69 -8.62
CA ALA A 198 13.21 -11.56 -8.10
C ALA A 198 13.76 -12.88 -7.56
N ASN A 199 12.85 -13.80 -7.23
CA ASN A 199 13.19 -15.12 -6.70
C ASN A 199 12.44 -16.20 -7.45
N PRO A 200 12.83 -16.45 -8.71
CA PRO A 200 12.21 -17.46 -9.59
C PRO A 200 12.58 -18.87 -9.16
N GLU A 201 12.16 -19.85 -9.93
CA GLU A 201 12.47 -21.24 -9.59
C GLU A 201 13.99 -21.36 -9.46
N LYS A 202 14.45 -22.15 -8.50
CA LYS A 202 15.88 -22.33 -8.25
C LYS A 202 16.73 -22.59 -9.49
N GLY A 203 17.84 -21.86 -9.60
CA GLY A 203 18.72 -22.02 -10.74
C GLY A 203 18.44 -21.10 -11.91
N LYS A 204 17.19 -20.67 -12.07
CA LYS A 204 16.81 -19.79 -13.17
C LYS A 204 17.26 -18.34 -12.96
N GLU A 205 17.18 -17.53 -14.01
CA GLU A 205 17.58 -16.13 -13.93
C GLU A 205 16.45 -15.25 -13.45
N MET A 206 16.80 -14.11 -12.85
CA MET A 206 15.81 -13.15 -12.38
C MET A 206 14.86 -12.84 -13.53
N ARG A 207 13.57 -12.88 -13.24
CA ARG A 207 12.58 -12.57 -14.27
C ARG A 207 12.61 -11.06 -14.46
N THR A 208 11.83 -10.55 -15.41
CA THR A 208 11.79 -9.12 -15.69
C THR A 208 10.40 -8.54 -15.48
N PRO A 209 10.29 -7.21 -15.48
CA PRO A 209 8.95 -6.67 -15.29
C PRO A 209 8.01 -7.17 -16.39
N ASP A 210 8.59 -7.57 -17.51
CA ASP A 210 7.84 -8.09 -18.65
C ASP A 210 7.13 -9.38 -18.23
N HIS A 211 7.81 -10.20 -17.43
CA HIS A 211 7.20 -11.43 -16.95
C HIS A 211 6.10 -11.11 -15.94
N GLU A 212 6.27 -10.00 -15.22
CA GLU A 212 5.28 -9.59 -14.24
C GLU A 212 3.98 -9.23 -14.95
N ASP A 213 4.06 -8.45 -16.03
CA ASP A 213 2.89 -8.06 -16.79
C ASP A 213 2.27 -9.26 -17.48
N THR A 214 3.12 -10.12 -18.03
CA THR A 214 2.67 -11.31 -18.73
C THR A 214 1.91 -12.22 -17.78
N PHE A 215 2.46 -12.39 -16.58
CA PHE A 215 1.82 -13.23 -15.58
C PHE A 215 0.39 -12.81 -15.29
N PHE A 216 0.17 -11.51 -15.10
CA PHE A 216 -1.17 -11.04 -14.79
C PHE A 216 -2.14 -11.01 -15.96
N ARG A 217 -1.61 -10.84 -17.17
CA ARG A 217 -2.46 -10.84 -18.34
C ARG A 217 -2.92 -12.29 -18.53
N ASP A 218 -1.99 -13.23 -18.39
CA ASP A 218 -2.36 -14.63 -18.52
C ASP A 218 -3.44 -14.99 -17.50
N LEU A 219 -3.28 -14.48 -16.28
CA LEU A 219 -4.21 -14.79 -15.20
C LEU A 219 -5.59 -14.14 -15.25
N VAL A 220 -5.63 -12.82 -15.41
CA VAL A 220 -6.93 -12.15 -15.44
C VAL A 220 -7.15 -11.25 -16.65
N GLY A 221 -6.25 -11.33 -17.63
CA GLY A 221 -6.40 -10.56 -18.84
C GLY A 221 -6.04 -9.08 -18.77
N TYR A 222 -5.39 -8.67 -17.69
CA TYR A 222 -5.01 -7.28 -17.55
C TYR A 222 -3.89 -7.12 -16.53
N SER A 223 -3.01 -6.14 -16.76
CA SER A 223 -1.91 -5.84 -15.86
C SER A 223 -1.86 -4.33 -15.74
N ILE A 224 -1.92 -3.83 -14.52
CA ILE A 224 -1.92 -2.40 -14.32
C ILE A 224 -0.54 -1.78 -14.48
N GLY A 225 0.51 -2.59 -14.37
CA GLY A 225 1.86 -2.05 -14.52
C GLY A 225 2.54 -1.66 -13.21
N THR A 226 3.86 -1.56 -13.26
CA THR A 226 4.65 -1.23 -12.08
C THR A 226 4.38 0.16 -11.50
N LEU A 227 4.13 1.15 -12.33
CA LEU A 227 3.85 2.49 -11.80
C LEU A 227 2.43 2.53 -11.29
N GLY A 228 1.51 1.97 -12.08
CA GLY A 228 0.11 1.97 -11.73
C GLY A 228 -0.25 1.26 -10.44
N ILE A 229 0.43 0.17 -10.13
CA ILE A 229 0.10 -0.54 -8.91
C ILE A 229 0.53 0.20 -7.63
N HIS A 230 1.51 1.08 -7.74
CA HIS A 230 1.94 1.85 -6.58
C HIS A 230 0.95 3.00 -6.43
N ARG A 231 0.42 3.46 -7.56
CA ARG A 231 -0.58 4.53 -7.55
C ARG A 231 -1.86 3.95 -6.94
N LEU A 232 -2.18 2.71 -7.31
CA LEU A 232 -3.37 2.03 -6.84
C LEU A 232 -3.34 1.79 -5.33
N GLY A 233 -2.21 1.30 -4.84
CA GLY A 233 -2.06 1.06 -3.42
C GLY A 233 -2.25 2.35 -2.63
N LEU A 234 -1.70 3.44 -3.14
CA LEU A 234 -1.84 4.71 -2.45
C LEU A 234 -3.31 5.12 -2.41
N LEU A 235 -4.01 4.96 -3.53
CA LEU A 235 -5.43 5.32 -3.64
C LEU A 235 -6.38 4.44 -2.85
N LEU A 236 -6.18 3.13 -2.86
CA LEU A 236 -7.06 2.24 -2.11
C LEU A 236 -6.97 2.57 -0.62
N SER A 237 -5.74 2.79 -0.14
CA SER A 237 -5.49 3.12 1.25
C SER A 237 -6.09 4.44 1.71
N LEU A 238 -5.79 5.50 0.97
CA LEU A 238 -6.31 6.80 1.34
C LEU A 238 -7.84 6.84 1.23
N SER A 239 -8.40 6.06 0.32
CA SER A 239 -9.85 6.02 0.13
C SER A 239 -10.53 5.28 1.28
N ALA A 240 -9.89 4.21 1.74
CA ALA A 240 -10.44 3.44 2.84
C ALA A 240 -10.60 4.35 4.06
N VAL A 241 -9.57 5.13 4.35
CA VAL A 241 -9.61 6.03 5.49
C VAL A 241 -10.50 7.24 5.24
N PHE A 242 -10.58 7.69 3.99
CA PHE A 242 -11.42 8.84 3.69
C PHE A 242 -12.89 8.48 3.95
N PHE A 243 -13.30 7.32 3.46
CA PHE A 243 -14.67 6.89 3.66
C PHE A 243 -14.96 6.47 5.09
N SER A 244 -13.90 6.15 5.83
CA SER A 244 -14.06 5.79 7.23
C SER A 244 -14.45 7.07 7.97
N ALA A 245 -13.67 8.12 7.75
CA ALA A 245 -13.95 9.40 8.39
C ALA A 245 -15.37 9.87 8.01
N LEU A 246 -15.75 9.61 6.77
CA LEU A 246 -17.06 10.01 6.28
C LEU A 246 -18.23 9.26 6.92
N CYS A 247 -18.07 7.95 7.14
CA CYS A 247 -19.16 7.19 7.71
C CYS A 247 -19.42 7.57 9.17
N MET A 248 -18.44 8.16 9.83
CA MET A 248 -18.61 8.58 11.21
C MET A 248 -19.07 10.02 11.33
N ILE A 249 -18.66 10.85 10.37
CA ILE A 249 -19.02 12.24 10.41
C ILE A 249 -20.52 12.45 10.18
N ILE A 250 -21.16 11.49 9.51
CA ILE A 250 -22.59 11.57 9.23
C ILE A 250 -23.44 10.86 10.27
N THR A 251 -22.78 10.08 11.13
CA THR A 251 -23.49 9.33 12.16
C THR A 251 -23.66 10.09 13.46
N GLY A 252 -24.92 10.38 13.79
CA GLY A 252 -25.21 11.10 15.00
C GLY A 252 -25.39 12.57 14.69
N THR A 253 -25.22 12.93 13.41
CA THR A 253 -25.36 14.31 13.00
C THR A 253 -26.49 14.47 11.99
N ILE A 254 -26.29 13.99 10.77
CA ILE A 254 -27.35 14.10 9.78
C ILE A 254 -28.23 12.87 9.85
N TRP A 255 -27.72 11.80 10.46
CA TRP A 255 -28.50 10.59 10.61
C TRP A 255 -28.25 10.03 12.00
N PHE A 256 -29.31 9.88 12.78
CA PHE A 256 -29.16 9.38 14.14
C PHE A 256 -30.11 8.24 14.50
N ASP A 257 -30.78 7.70 13.49
CA ASP A 257 -31.69 6.58 13.73
C ASP A 257 -30.97 5.26 13.41
N GLN A 258 -31.70 4.16 13.36
CA GLN A 258 -31.11 2.85 13.06
C GLN A 258 -30.66 2.86 11.62
N TRP A 259 -29.40 2.52 11.38
CA TRP A 259 -28.88 2.50 10.02
C TRP A 259 -29.61 1.54 9.08
N VAL A 260 -30.17 0.47 9.62
CA VAL A 260 -30.88 -0.47 8.77
C VAL A 260 -32.12 0.17 8.16
N ASP A 261 -32.74 1.10 8.88
CA ASP A 261 -33.94 1.76 8.38
C ASP A 261 -33.67 2.70 7.23
N TRP A 262 -32.45 3.19 7.13
CA TRP A 262 -32.08 4.10 6.05
C TRP A 262 -32.36 3.48 4.69
N TRP A 263 -32.20 2.16 4.59
CA TRP A 263 -32.41 1.47 3.33
C TRP A 263 -33.85 1.39 2.86
N GLN A 264 -34.76 2.00 3.59
CA GLN A 264 -36.15 1.97 3.19
C GLN A 264 -36.44 2.92 2.03
N TRP A 265 -35.56 3.89 1.82
CA TRP A 265 -35.79 4.83 0.72
C TRP A 265 -35.82 4.06 -0.60
N TRP A 266 -34.95 3.08 -0.71
CA TRP A 266 -34.86 2.26 -1.90
C TRP A 266 -36.08 1.37 -2.09
N VAL A 267 -36.46 0.66 -1.04
CA VAL A 267 -37.60 -0.24 -1.10
C VAL A 267 -38.96 0.45 -1.24
N LYS A 268 -39.07 1.70 -0.77
CA LYS A 268 -40.33 2.43 -0.84
C LYS A 268 -40.47 3.31 -2.09
N LEU A 269 -39.60 3.11 -3.08
CA LEU A 269 -39.68 3.90 -4.31
C LEU A 269 -41.06 3.62 -4.89
N PRO A 270 -41.80 4.68 -5.26
CA PRO A 270 -43.14 4.64 -5.84
C PRO A 270 -43.44 3.42 -6.72
N TRP A 271 -42.60 3.20 -7.72
CA TRP A 271 -42.76 2.10 -8.66
C TRP A 271 -43.07 0.75 -8.02
N TRP A 272 -42.07 0.16 -7.37
CA TRP A 272 -42.25 -1.16 -6.74
C TRP A 272 -42.68 -1.11 -5.28
N ALA A 273 -42.83 0.09 -4.74
CA ALA A 273 -43.22 0.26 -3.34
C ALA A 273 -44.36 -0.65 -2.86
N ASN A 274 -45.24 -1.09 -3.77
CA ASN A 274 -46.35 -1.94 -3.35
C ASN A 274 -46.51 -3.29 -4.04
N ILE A 275 -45.75 -3.52 -5.11
CA ILE A 275 -45.83 -4.80 -5.81
C ILE A 275 -45.67 -5.91 -4.77
N PRO A 276 -46.75 -6.68 -4.53
CA PRO A 276 -46.68 -7.77 -3.54
C PRO A 276 -45.63 -8.83 -3.89
N GLY A 277 -45.24 -9.61 -2.88
CA GLY A 277 -44.25 -10.64 -3.09
C GLY A 277 -42.87 -10.24 -2.61
N GLY A 278 -41.89 -11.11 -2.82
CA GLY A 278 -40.53 -10.82 -2.40
C GLY A 278 -40.37 -10.85 -0.88
N ILE A 279 -39.32 -10.19 -0.39
CA ILE A 279 -39.07 -10.14 1.04
C ILE A 279 -39.86 -9.02 1.68
N ASN A 280 -39.91 -7.88 1.01
CA ASN A 280 -40.63 -6.70 1.51
C ASN A 280 -42.00 -6.55 0.88
N GLY A 281 -42.86 -7.54 1.08
CA GLY A 281 -44.20 -7.47 0.51
C GLY A 281 -44.94 -8.79 0.58
N ALA B 1 2.49 24.59 -9.13
CA ALA B 1 2.41 23.20 -8.61
C ALA B 1 3.29 22.25 -9.44
N GLU B 2 4.00 21.37 -8.74
CA GLU B 2 4.85 20.38 -9.40
C GLU B 2 4.04 19.13 -9.72
N TYR B 3 4.51 18.36 -10.68
CA TYR B 3 3.84 17.13 -11.09
C TYR B 3 3.89 16.07 -9.98
N GLN B 4 2.74 15.47 -9.66
CA GLN B 4 2.68 14.45 -8.60
C GLN B 4 2.79 13.02 -9.11
N ASN B 5 2.56 12.83 -10.41
CA ASN B 5 2.65 11.53 -11.04
C ASN B 5 1.59 10.54 -10.59
N ILE B 6 0.39 11.04 -10.32
CA ILE B 6 -0.71 10.17 -9.92
C ILE B 6 -1.46 9.75 -11.20
N PHE B 7 -1.50 10.66 -12.15
CA PHE B 7 -2.12 10.44 -13.46
C PHE B 7 -1.05 10.81 -14.50
N SER B 8 -0.99 10.07 -15.60
CA SER B 8 -0.01 10.35 -16.65
C SER B 8 -0.38 11.63 -17.39
N GLN B 9 0.61 12.42 -17.80
CA GLN B 9 0.34 13.66 -18.52
C GLN B 9 0.19 13.39 -20.01
N VAL B 10 0.95 12.41 -20.49
CA VAL B 10 0.93 12.03 -21.89
C VAL B 10 0.89 10.52 -22.01
N GLN B 11 0.04 10.03 -22.91
CA GLN B 11 -0.04 8.60 -23.13
C GLN B 11 0.68 8.27 -24.42
N VAL B 12 1.36 7.13 -24.40
CA VAL B 12 2.12 6.66 -25.54
C VAL B 12 1.69 5.24 -25.85
N ARG B 13 1.53 4.92 -27.13
CA ARG B 13 1.13 3.57 -27.50
C ARG B 13 1.96 2.97 -28.62
N GLY B 14 2.13 1.65 -28.57
CA GLY B 14 2.87 0.93 -29.57
C GLY B 14 2.13 -0.36 -29.89
N PRO B 15 2.76 -1.28 -30.64
CA PRO B 15 2.14 -2.55 -31.00
C PRO B 15 1.70 -3.34 -29.78
N ALA B 16 0.57 -4.03 -29.89
CA ALA B 16 0.08 -4.85 -28.78
C ALA B 16 1.20 -5.82 -28.37
N ASP B 17 1.40 -5.94 -27.06
CA ASP B 17 2.43 -6.82 -26.52
C ASP B 17 1.85 -8.21 -26.30
N LEU B 18 2.40 -9.22 -26.99
CA LEU B 18 1.92 -10.58 -26.84
C LEU B 18 2.54 -11.28 -25.63
N GLY B 19 3.39 -10.56 -24.92
CA GLY B 19 4.02 -11.11 -23.73
C GLY B 19 5.12 -12.13 -23.93
N MET B 20 5.75 -12.51 -22.82
CA MET B 20 6.84 -13.48 -22.79
C MET B 20 6.31 -14.86 -23.10
N THR B 21 7.19 -15.73 -23.59
CA THR B 21 6.78 -17.07 -23.96
C THR B 21 7.17 -18.14 -22.95
N GLU B 22 8.46 -18.27 -22.69
CA GLU B 22 8.95 -19.29 -21.77
C GLU B 22 8.24 -20.61 -22.14
N ASP B 23 7.78 -21.37 -21.15
CA ASP B 23 7.10 -22.64 -21.43
C ASP B 23 5.59 -22.51 -21.52
N VAL B 24 5.10 -21.33 -21.88
CA VAL B 24 3.67 -21.12 -21.98
C VAL B 24 3.11 -21.65 -23.29
N ASN B 25 2.03 -22.41 -23.21
CA ASN B 25 1.39 -22.95 -24.40
C ASN B 25 0.68 -21.79 -25.10
N LEU B 26 1.35 -21.18 -26.07
CA LEU B 26 0.79 -20.04 -26.81
C LEU B 26 -0.54 -20.33 -27.49
N ALA B 27 -0.90 -21.60 -27.58
CA ALA B 27 -2.15 -21.99 -28.22
C ALA B 27 -3.32 -21.58 -27.34
N ASN B 28 -3.11 -21.61 -26.02
CA ASN B 28 -4.15 -21.26 -25.07
C ASN B 28 -4.34 -19.77 -24.77
N ARG B 29 -3.53 -18.91 -25.38
CA ARG B 29 -3.70 -17.48 -25.15
C ARG B 29 -4.68 -16.93 -26.15
N SER B 30 -5.58 -16.06 -25.69
CA SER B 30 -6.56 -15.44 -26.57
C SER B 30 -5.84 -14.37 -27.37
N GLY B 31 -6.62 -13.50 -27.99
CA GLY B 31 -6.03 -12.43 -28.76
C GLY B 31 -6.04 -11.19 -27.90
N VAL B 32 -5.26 -10.18 -28.28
CA VAL B 32 -5.21 -8.96 -27.52
C VAL B 32 -6.53 -8.21 -27.63
N GLY B 33 -7.05 -7.75 -26.50
CA GLY B 33 -8.30 -7.01 -26.50
C GLY B 33 -7.98 -5.58 -26.90
N PRO B 34 -8.95 -4.67 -26.83
CA PRO B 34 -8.66 -3.28 -27.22
C PRO B 34 -7.78 -2.54 -26.21
N PHE B 35 -7.46 -1.29 -26.52
CA PHE B 35 -6.66 -0.46 -25.64
C PHE B 35 -7.61 0.53 -24.99
N SER B 36 -7.44 0.77 -23.70
CA SER B 36 -8.30 1.71 -22.99
C SER B 36 -7.55 2.98 -22.66
N THR B 37 -7.98 4.09 -23.24
CA THR B 37 -7.35 5.37 -22.96
C THR B 37 -7.70 5.76 -21.55
N LEU B 38 -8.86 5.29 -21.08
CA LEU B 38 -9.33 5.56 -19.74
C LEU B 38 -8.34 5.00 -18.73
N LEU B 39 -8.08 3.69 -18.81
CA LEU B 39 -7.14 3.02 -17.92
C LEU B 39 -5.72 3.56 -18.09
N GLY B 40 -5.39 3.96 -19.32
CA GLY B 40 -4.07 4.48 -19.62
C GLY B 40 -3.59 5.69 -18.84
N TRP B 41 -4.53 6.43 -18.24
CA TRP B 41 -4.17 7.60 -17.45
C TRP B 41 -3.64 7.21 -16.09
N PHE B 42 -4.03 6.01 -15.66
CA PHE B 42 -3.66 5.49 -14.35
C PHE B 42 -2.60 4.39 -14.40
N GLY B 43 -2.79 3.45 -15.33
CA GLY B 43 -1.86 2.34 -15.52
C GLY B 43 -1.77 1.97 -16.99
N ASN B 44 -1.57 0.69 -17.28
CA ASN B 44 -1.48 0.21 -18.67
C ASN B 44 -2.81 0.36 -19.40
N ALA B 45 -2.75 0.65 -20.70
CA ALA B 45 -3.96 0.81 -21.52
C ALA B 45 -4.37 -0.52 -22.17
N GLN B 46 -3.42 -1.44 -22.30
CA GLN B 46 -3.69 -2.71 -22.96
C GLN B 46 -4.55 -3.70 -22.19
N LEU B 47 -5.57 -4.22 -22.86
CA LEU B 47 -6.46 -5.22 -22.29
C LEU B 47 -6.13 -6.49 -23.05
N GLY B 48 -5.98 -7.61 -22.33
CA GLY B 48 -5.65 -8.86 -22.99
C GLY B 48 -4.19 -8.92 -23.44
N PRO B 49 -3.69 -10.08 -23.90
CA PRO B 49 -4.45 -11.33 -24.01
C PRO B 49 -4.62 -12.04 -22.67
N ILE B 50 -5.55 -12.98 -22.62
CA ILE B 50 -5.82 -13.75 -21.41
C ILE B 50 -5.51 -15.20 -21.78
N TYR B 51 -5.09 -15.99 -20.80
CA TYR B 51 -4.75 -17.39 -21.04
C TYR B 51 -5.90 -18.27 -20.52
N LEU B 52 -6.54 -19.01 -21.43
CA LEU B 52 -7.64 -19.88 -21.04
C LEU B 52 -7.36 -21.32 -21.32
N GLY B 53 -6.82 -22.04 -20.33
CA GLY B 53 -6.54 -23.44 -20.50
C GLY B 53 -7.70 -24.28 -20.01
N SER B 54 -7.45 -25.54 -19.70
CA SER B 54 -8.50 -26.43 -19.21
C SER B 54 -8.98 -26.02 -17.82
N LEU B 55 -8.01 -25.82 -16.93
CA LEU B 55 -8.29 -25.43 -15.55
C LEU B 55 -9.01 -24.08 -15.54
N GLY B 56 -8.63 -23.21 -16.47
CA GLY B 56 -9.27 -21.90 -16.55
C GLY B 56 -10.74 -21.98 -16.92
N VAL B 57 -11.04 -22.74 -17.96
CA VAL B 57 -12.42 -22.91 -18.41
C VAL B 57 -13.22 -23.63 -17.33
N LEU B 58 -12.58 -24.59 -16.67
CA LEU B 58 -13.25 -25.33 -15.61
C LEU B 58 -13.67 -24.37 -14.49
N SER B 59 -12.73 -23.56 -14.04
CA SER B 59 -13.00 -22.59 -12.99
C SER B 59 -14.06 -21.58 -13.40
N LEU B 60 -13.93 -21.03 -14.60
CA LEU B 60 -14.90 -20.06 -15.09
C LEU B 60 -16.32 -20.62 -15.22
N PHE B 61 -16.42 -21.90 -15.58
CA PHE B 61 -17.73 -22.53 -15.72
C PHE B 61 -18.34 -22.77 -14.34
N SER B 62 -17.53 -23.29 -13.41
CA SER B 62 -18.00 -23.53 -12.05
C SER B 62 -18.44 -22.22 -11.45
N GLY B 63 -17.62 -21.19 -11.67
CA GLY B 63 -17.91 -19.87 -11.14
C GLY B 63 -19.28 -19.38 -11.52
N LEU B 64 -19.61 -19.44 -12.81
CA LEU B 64 -20.91 -18.99 -13.30
C LEU B 64 -22.05 -19.86 -12.77
N MET B 65 -21.80 -21.16 -12.63
CA MET B 65 -22.83 -22.05 -12.12
C MET B 65 -23.19 -21.69 -10.69
N TRP B 66 -22.18 -21.36 -9.90
CA TRP B 66 -22.36 -20.95 -8.51
C TRP B 66 -23.18 -19.68 -8.51
N PHE B 67 -22.71 -18.71 -9.31
CA PHE B 67 -23.38 -17.42 -9.43
C PHE B 67 -24.84 -17.56 -9.89
N PHE B 68 -25.06 -18.36 -10.94
CA PHE B 68 -26.41 -18.56 -11.46
C PHE B 68 -27.32 -19.29 -10.50
N THR B 69 -26.80 -20.31 -9.82
CA THR B 69 -27.59 -21.06 -8.86
C THR B 69 -28.21 -20.13 -7.81
N ILE B 70 -27.41 -19.19 -7.32
CA ILE B 70 -27.89 -18.21 -6.33
C ILE B 70 -28.95 -17.36 -7.02
N GLY B 71 -28.65 -16.94 -8.24
CA GLY B 71 -29.55 -16.11 -9.02
C GLY B 71 -30.91 -16.74 -9.28
N ILE B 72 -30.94 -18.04 -9.57
CA ILE B 72 -32.20 -18.74 -9.80
C ILE B 72 -33.06 -18.58 -8.56
N TRP B 73 -32.49 -18.93 -7.41
CA TRP B 73 -33.18 -18.84 -6.14
C TRP B 73 -33.69 -17.43 -5.85
N PHE B 74 -32.89 -16.42 -6.16
CA PHE B 74 -33.28 -15.03 -5.93
C PHE B 74 -34.50 -14.66 -6.78
N TRP B 75 -34.57 -15.21 -7.99
CA TRP B 75 -35.70 -14.96 -8.89
C TRP B 75 -36.91 -15.68 -8.34
N TYR B 76 -36.68 -16.89 -7.83
CA TYR B 76 -37.74 -17.69 -7.26
C TYR B 76 -38.39 -17.00 -6.06
N GLN B 77 -37.58 -16.33 -5.26
CA GLN B 77 -38.12 -15.62 -4.09
C GLN B 77 -38.81 -14.33 -4.48
N ALA B 78 -38.52 -13.84 -5.68
CA ALA B 78 -39.14 -12.60 -6.17
C ALA B 78 -40.36 -12.93 -7.02
N GLY B 79 -40.84 -14.17 -6.95
CA GLY B 79 -41.99 -14.57 -7.74
C GLY B 79 -41.79 -14.25 -9.21
N TRP B 80 -40.55 -14.31 -9.66
CA TRP B 80 -40.18 -14.06 -11.04
C TRP B 80 -40.57 -12.66 -11.52
N ASN B 81 -40.85 -11.77 -10.58
CA ASN B 81 -41.23 -10.40 -10.92
C ASN B 81 -39.98 -9.53 -10.98
N PRO B 82 -39.69 -8.94 -12.15
CA PRO B 82 -38.52 -8.07 -12.34
C PRO B 82 -38.46 -6.89 -11.38
N ALA B 83 -39.62 -6.34 -11.03
CA ALA B 83 -39.69 -5.20 -10.12
C ALA B 83 -39.29 -5.63 -8.71
N VAL B 84 -39.81 -6.76 -8.27
CA VAL B 84 -39.50 -7.28 -6.95
C VAL B 84 -38.01 -7.59 -6.84
N PHE B 85 -37.48 -8.26 -7.87
CA PHE B 85 -36.08 -8.64 -7.92
C PHE B 85 -35.16 -7.46 -7.62
N LEU B 86 -35.38 -6.35 -8.33
CA LEU B 86 -34.56 -5.16 -8.14
C LEU B 86 -34.79 -4.50 -6.78
N ARG B 87 -36.05 -4.49 -6.32
CA ARG B 87 -36.38 -3.87 -5.06
C ARG B 87 -35.78 -4.59 -3.86
N ASP B 88 -35.95 -5.90 -3.81
CA ASP B 88 -35.43 -6.67 -2.68
C ASP B 88 -34.14 -7.44 -2.96
N LEU B 89 -33.36 -6.99 -3.93
CA LEU B 89 -32.12 -7.66 -4.30
C LEU B 89 -31.17 -7.92 -3.12
N PHE B 90 -31.06 -6.94 -2.23
CA PHE B 90 -30.19 -7.05 -1.08
C PHE B 90 -30.73 -7.91 0.05
N PHE B 91 -32.03 -8.20 0.02
CA PHE B 91 -32.63 -9.01 1.07
C PHE B 91 -32.75 -10.50 0.78
N PHE B 92 -32.73 -10.87 -0.50
CA PHE B 92 -32.83 -12.29 -0.85
C PHE B 92 -31.66 -13.02 -0.22
N SER B 93 -31.81 -14.33 -0.02
CA SER B 93 -30.74 -15.10 0.58
C SER B 93 -30.92 -16.60 0.42
N LEU B 94 -29.83 -17.28 0.07
CA LEU B 94 -29.85 -18.73 -0.08
C LEU B 94 -29.24 -19.27 1.21
N GLU B 95 -30.08 -19.59 2.18
CA GLU B 95 -29.62 -20.10 3.47
C GLU B 95 -29.16 -21.56 3.39
N PRO B 96 -28.27 -21.98 4.29
CA PRO B 96 -27.81 -23.37 4.28
C PRO B 96 -28.89 -24.28 4.87
N PRO B 97 -28.69 -25.61 4.80
CA PRO B 97 -29.71 -26.52 5.35
C PRO B 97 -29.91 -26.35 6.86
N ALA B 98 -31.12 -26.68 7.33
CA ALA B 98 -31.43 -26.57 8.75
C ALA B 98 -30.56 -27.49 9.60
N PRO B 99 -30.42 -27.19 10.90
CA PRO B 99 -29.60 -28.01 11.80
C PRO B 99 -29.97 -29.49 11.80
N GLU B 100 -31.26 -29.78 11.64
CA GLU B 100 -31.77 -31.14 11.63
C GLU B 100 -31.03 -32.06 10.67
N TYR B 101 -30.72 -31.55 9.49
CA TYR B 101 -30.03 -32.34 8.47
C TYR B 101 -28.55 -32.54 8.75
N GLY B 102 -28.04 -31.88 9.78
CA GLY B 102 -26.63 -32.03 10.13
C GLY B 102 -25.65 -31.86 8.98
N LEU B 103 -24.77 -32.84 8.81
CA LEU B 103 -23.76 -32.82 7.74
C LEU B 103 -24.10 -33.74 6.57
N SER B 104 -25.39 -33.94 6.30
CA SER B 104 -25.79 -34.82 5.21
C SER B 104 -26.17 -34.03 3.98
N PHE B 105 -26.23 -34.73 2.85
CA PHE B 105 -26.61 -34.10 1.59
C PHE B 105 -28.02 -34.52 1.21
N ALA B 106 -28.82 -34.86 2.21
CA ALA B 106 -30.18 -35.31 1.95
C ALA B 106 -31.21 -34.18 1.99
N ALA B 107 -30.83 -33.04 2.54
CA ALA B 107 -31.73 -31.90 2.63
C ALA B 107 -32.38 -31.59 1.29
N PRO B 108 -33.70 -31.30 1.29
CA PRO B 108 -34.42 -30.98 0.06
C PRO B 108 -33.94 -29.65 -0.55
N LEU B 109 -34.05 -29.53 -1.86
CA LEU B 109 -33.61 -28.32 -2.55
C LEU B 109 -34.08 -27.02 -1.92
N LYS B 110 -35.37 -26.94 -1.61
CA LYS B 110 -35.93 -25.74 -1.03
C LYS B 110 -35.52 -25.52 0.41
N GLU B 111 -34.63 -26.36 0.93
CA GLU B 111 -34.21 -26.21 2.32
C GLU B 111 -32.73 -26.49 2.54
N GLY B 112 -31.88 -25.92 1.70
CA GLY B 112 -30.45 -26.14 1.87
C GLY B 112 -29.82 -26.98 0.79
N GLY B 113 -30.62 -27.80 0.12
CA GLY B 113 -30.08 -28.63 -0.93
C GLY B 113 -29.44 -27.78 -2.00
N LEU B 114 -30.12 -26.71 -2.40
CA LEU B 114 -29.61 -25.80 -3.42
C LEU B 114 -28.37 -25.08 -2.92
N TRP B 115 -28.31 -24.79 -1.62
CA TRP B 115 -27.16 -24.13 -1.01
C TRP B 115 -25.93 -25.03 -1.21
N LEU B 116 -26.11 -26.32 -0.94
CA LEU B 116 -25.05 -27.31 -1.09
C LEU B 116 -24.57 -27.40 -2.53
N ILE B 117 -25.53 -27.34 -3.48
CA ILE B 117 -25.19 -27.40 -4.89
C ILE B 117 -24.28 -26.22 -5.22
N ALA B 118 -24.75 -25.02 -4.89
CA ALA B 118 -24.00 -23.80 -5.14
C ALA B 118 -22.63 -23.84 -4.48
N SER B 119 -22.58 -24.30 -3.24
CA SER B 119 -21.30 -24.38 -2.52
C SER B 119 -20.34 -25.32 -3.23
N PHE B 120 -20.88 -26.37 -3.85
CA PHE B 120 -20.06 -27.33 -4.58
C PHE B 120 -19.36 -26.64 -5.75
N PHE B 121 -20.11 -25.84 -6.50
CA PHE B 121 -19.55 -25.14 -7.64
C PHE B 121 -18.51 -24.13 -7.19
N MET B 122 -18.80 -23.40 -6.12
CA MET B 122 -17.86 -22.41 -5.61
C MET B 122 -16.56 -23.10 -5.19
N PHE B 123 -16.69 -24.25 -4.54
CA PHE B 123 -15.53 -25.01 -4.08
C PHE B 123 -14.62 -25.39 -5.26
N VAL B 124 -15.24 -25.78 -6.36
CA VAL B 124 -14.51 -26.15 -7.56
C VAL B 124 -13.94 -24.92 -8.27
N ALA B 125 -14.74 -23.88 -8.38
CA ALA B 125 -14.32 -22.65 -9.03
C ALA B 125 -13.08 -22.05 -8.36
N VAL B 126 -13.08 -22.04 -7.03
CA VAL B 126 -11.96 -21.47 -6.27
C VAL B 126 -10.67 -22.30 -6.29
N TRP B 127 -10.76 -23.59 -5.98
CA TRP B 127 -9.56 -24.42 -5.97
C TRP B 127 -8.92 -24.59 -7.34
N SER B 128 -9.73 -24.65 -8.39
CA SER B 128 -9.17 -24.81 -9.74
C SER B 128 -8.48 -23.49 -10.12
N TRP B 129 -9.00 -22.38 -9.61
CA TRP B 129 -8.40 -21.09 -9.88
C TRP B 129 -7.07 -21.00 -9.14
N TRP B 130 -6.99 -21.68 -7.99
CA TRP B 130 -5.76 -21.68 -7.21
C TRP B 130 -4.68 -22.42 -8.01
N GLY B 131 -5.03 -23.60 -8.52
CA GLY B 131 -4.08 -24.37 -9.31
C GLY B 131 -3.62 -23.57 -10.51
N ARG B 132 -4.53 -22.75 -11.03
CA ARG B 132 -4.23 -21.90 -12.18
C ARG B 132 -3.15 -20.85 -11.84
N THR B 133 -3.26 -20.20 -10.68
CA THR B 133 -2.26 -19.20 -10.31
C THR B 133 -0.90 -19.85 -10.08
N TYR B 134 -0.90 -21.14 -9.77
CA TYR B 134 0.35 -21.84 -9.53
C TYR B 134 0.99 -22.24 -10.87
N LEU B 135 0.18 -22.80 -11.76
CA LEU B 135 0.66 -23.21 -13.05
C LEU B 135 1.08 -22.06 -13.94
N ARG B 136 0.35 -20.95 -13.89
CA ARG B 136 0.71 -19.78 -14.71
C ARG B 136 2.07 -19.23 -14.32
N ALA B 137 2.47 -19.43 -13.08
CA ALA B 137 3.76 -18.94 -12.60
C ALA B 137 4.86 -19.93 -13.00
N GLN B 138 4.52 -21.22 -12.98
CA GLN B 138 5.47 -22.25 -13.34
C GLN B 138 5.82 -22.16 -14.83
N ALA B 139 4.81 -21.90 -15.66
CA ALA B 139 5.02 -21.78 -17.10
C ALA B 139 5.97 -20.63 -17.41
N LEU B 140 6.07 -19.68 -16.49
CA LEU B 140 6.96 -18.54 -16.70
C LEU B 140 8.23 -18.64 -15.87
N GLY B 141 8.37 -19.72 -15.11
CA GLY B 141 9.55 -19.93 -14.30
C GLY B 141 9.67 -19.05 -13.07
N MET B 142 8.57 -18.42 -12.65
CA MET B 142 8.56 -17.55 -11.48
C MET B 142 8.29 -18.30 -10.17
N GLY B 143 8.65 -17.66 -9.06
CA GLY B 143 8.43 -18.23 -7.75
C GLY B 143 6.94 -18.42 -7.55
N LYS B 144 6.54 -19.22 -6.58
CA LYS B 144 5.13 -19.53 -6.32
C LYS B 144 4.47 -18.64 -5.25
N HIS B 145 5.04 -17.48 -5.01
CA HIS B 145 4.54 -16.55 -3.99
C HIS B 145 3.05 -16.22 -4.10
N THR B 146 2.57 -15.90 -5.30
CA THR B 146 1.18 -15.56 -5.48
C THR B 146 0.24 -16.69 -5.05
N ALA B 147 0.57 -17.92 -5.42
CA ALA B 147 -0.24 -19.07 -5.07
C ALA B 147 -0.25 -19.29 -3.56
N TRP B 148 0.89 -19.12 -2.92
CA TRP B 148 0.98 -19.31 -1.47
C TRP B 148 0.24 -18.21 -0.71
N ALA B 149 0.32 -16.98 -1.21
CA ALA B 149 -0.39 -15.87 -0.58
C ALA B 149 -1.90 -16.10 -0.72
N PHE B 150 -2.31 -16.61 -1.89
CA PHE B 150 -3.71 -16.88 -2.19
C PHE B 150 -4.24 -17.97 -1.28
N LEU B 151 -3.38 -18.90 -0.93
CA LEU B 151 -3.79 -19.99 -0.07
C LEU B 151 -4.26 -19.42 1.29
N SER B 152 -3.64 -18.32 1.72
CA SER B 152 -3.98 -17.70 2.99
C SER B 152 -5.41 -17.18 3.00
N ALA B 153 -5.86 -16.62 1.87
CA ALA B 153 -7.22 -16.11 1.77
C ALA B 153 -8.18 -17.30 1.70
N ILE B 154 -7.73 -18.36 1.04
CA ILE B 154 -8.51 -19.58 0.89
C ILE B 154 -8.74 -20.21 2.27
N TRP B 155 -7.74 -20.11 3.14
CA TRP B 155 -7.81 -20.65 4.50
C TRP B 155 -9.03 -20.10 5.25
N LEU B 156 -9.16 -18.78 5.36
CA LEU B 156 -10.30 -18.19 6.05
C LEU B 156 -11.63 -18.61 5.40
N TRP B 157 -11.63 -18.66 4.08
CA TRP B 157 -12.81 -19.07 3.31
C TRP B 157 -13.16 -20.53 3.63
N MET B 158 -12.17 -21.41 3.57
CA MET B 158 -12.38 -22.83 3.86
C MET B 158 -12.92 -23.05 5.26
N VAL B 159 -12.37 -22.30 6.22
CA VAL B 159 -12.79 -22.40 7.61
C VAL B 159 -14.24 -21.94 7.81
N LEU B 160 -14.60 -20.81 7.20
CA LEU B 160 -15.95 -20.27 7.33
C LEU B 160 -17.07 -21.16 6.79
N GLY B 161 -16.88 -21.76 5.62
CA GLY B 161 -17.93 -22.58 5.05
C GLY B 161 -17.70 -24.07 4.97
N PHE B 162 -16.54 -24.54 5.41
CA PHE B 162 -16.25 -25.97 5.33
C PHE B 162 -15.72 -26.55 6.63
N ILE B 163 -14.46 -26.23 6.95
CA ILE B 163 -13.82 -26.74 8.17
C ILE B 163 -14.64 -26.61 9.46
N ARG B 164 -14.97 -25.38 9.84
CA ARG B 164 -15.74 -25.16 11.06
C ARG B 164 -17.09 -25.89 11.03
N PRO B 165 -17.85 -25.76 9.93
CA PRO B 165 -19.16 -26.45 9.87
C PRO B 165 -19.02 -27.97 10.14
N ILE B 166 -17.99 -28.59 9.55
CA ILE B 166 -17.74 -30.01 9.74
C ILE B 166 -17.45 -30.33 11.20
N LEU B 167 -16.61 -29.51 11.82
CA LEU B 167 -16.25 -29.71 13.22
C LEU B 167 -17.41 -29.41 14.16
N MET B 168 -18.34 -28.58 13.72
CA MET B 168 -19.50 -28.25 14.54
C MET B 168 -20.57 -29.32 14.41
N GLY B 169 -20.58 -30.02 13.27
CA GLY B 169 -21.55 -31.06 13.07
C GLY B 169 -22.70 -30.78 12.10
N SER B 170 -22.80 -29.57 11.57
CA SER B 170 -23.88 -29.25 10.63
C SER B 170 -23.58 -28.09 9.68
N TRP B 171 -24.15 -28.16 8.49
CA TRP B 171 -23.98 -27.13 7.47
C TRP B 171 -24.70 -25.85 7.85
N SER B 172 -25.50 -25.92 8.92
CA SER B 172 -26.25 -24.74 9.36
C SER B 172 -25.33 -23.67 9.92
N GLU B 173 -24.12 -24.09 10.28
CA GLU B 173 -23.13 -23.17 10.82
C GLU B 173 -22.43 -22.33 9.76
N ALA B 174 -22.61 -22.68 8.49
CA ALA B 174 -21.97 -21.96 7.39
C ALA B 174 -22.64 -20.61 7.07
N VAL B 175 -22.01 -19.85 6.17
CA VAL B 175 -22.50 -18.52 5.78
C VAL B 175 -23.51 -18.62 4.64
N PRO B 176 -24.62 -17.87 4.72
CA PRO B 176 -25.65 -17.87 3.67
C PRO B 176 -25.26 -16.94 2.53
N TYR B 177 -25.71 -17.25 1.31
CA TYR B 177 -25.37 -16.41 0.17
C TYR B 177 -26.39 -15.31 0.05
N GLY B 178 -26.04 -14.13 0.55
CA GLY B 178 -26.93 -12.98 0.50
C GLY B 178 -26.16 -11.75 0.92
N ILE B 179 -26.45 -10.62 0.30
CA ILE B 179 -25.75 -9.39 0.64
C ILE B 179 -26.00 -8.96 2.08
N PHE B 180 -27.25 -8.70 2.45
CA PHE B 180 -27.53 -8.29 3.82
C PHE B 180 -27.47 -9.46 4.79
N SER B 181 -27.88 -10.63 4.33
CA SER B 181 -27.90 -11.79 5.21
C SER B 181 -26.53 -12.25 5.70
N HIS B 182 -25.48 -12.08 4.89
CA HIS B 182 -24.18 -12.52 5.37
C HIS B 182 -23.64 -11.48 6.35
N LEU B 183 -24.19 -10.27 6.29
CA LEU B 183 -23.80 -9.21 7.21
C LEU B 183 -24.44 -9.56 8.56
N ASP B 184 -25.73 -9.93 8.54
CA ASP B 184 -26.43 -10.32 9.77
C ASP B 184 -25.74 -11.52 10.41
N TRP B 185 -25.30 -12.45 9.57
CA TRP B 185 -24.61 -13.66 10.05
C TRP B 185 -23.35 -13.28 10.82
N THR B 186 -22.62 -12.30 10.30
CA THR B 186 -21.37 -11.84 10.93
C THR B 186 -21.64 -11.22 12.29
N ASN B 187 -22.68 -10.41 12.39
CA ASN B 187 -23.04 -9.77 13.64
C ASN B 187 -23.44 -10.83 14.66
N ASN B 188 -24.27 -11.79 14.23
CA ASN B 188 -24.73 -12.85 15.11
C ASN B 188 -23.59 -13.70 15.64
N PHE B 189 -22.70 -14.09 14.73
CA PHE B 189 -21.57 -14.92 15.10
C PHE B 189 -20.83 -14.29 16.28
N SER B 190 -20.68 -12.97 16.24
CA SER B 190 -19.99 -12.28 17.31
C SER B 190 -20.77 -12.38 18.60
N LEU B 191 -22.04 -11.98 18.56
CA LEU B 191 -22.91 -12.03 19.75
C LEU B 191 -22.94 -13.40 20.41
N VAL B 192 -23.05 -14.43 19.59
CA VAL B 192 -23.13 -15.80 20.09
C VAL B 192 -21.87 -16.34 20.77
N HIS B 193 -20.70 -15.81 20.41
CA HIS B 193 -19.45 -16.30 21.02
C HIS B 193 -18.86 -15.33 22.01
N GLY B 194 -19.71 -14.59 22.70
CA GLY B 194 -19.21 -13.62 23.64
C GLY B 194 -19.02 -12.45 22.68
N ASN B 195 -18.00 -11.64 22.92
CA ASN B 195 -17.81 -10.54 21.99
C ASN B 195 -16.53 -10.85 21.22
N LEU B 196 -16.57 -10.83 19.89
CA LEU B 196 -15.36 -11.15 19.15
C LEU B 196 -14.18 -10.21 19.46
N PHE B 197 -14.48 -9.02 19.99
CA PHE B 197 -13.39 -8.13 20.34
C PHE B 197 -12.52 -8.76 21.44
N TYR B 198 -13.01 -9.83 22.06
CA TYR B 198 -12.25 -10.51 23.10
C TYR B 198 -11.44 -11.67 22.54
N ASN B 199 -11.65 -11.98 21.27
CA ASN B 199 -10.90 -13.05 20.61
C ASN B 199 -9.54 -12.45 20.26
N PRO B 200 -8.45 -12.98 20.85
CA PRO B 200 -7.12 -12.42 20.56
C PRO B 200 -6.69 -12.52 19.08
N PHE B 201 -7.17 -13.54 18.38
CA PHE B 201 -6.81 -13.66 16.98
C PHE B 201 -7.56 -12.65 16.14
N HIS B 202 -8.73 -12.23 16.61
CA HIS B 202 -9.52 -11.24 15.90
C HIS B 202 -8.77 -9.91 16.02
N GLY B 203 -8.26 -9.61 17.21
CA GLY B 203 -7.55 -8.35 17.38
C GLY B 203 -6.28 -8.26 16.57
N LEU B 204 -5.58 -9.39 16.43
CA LEU B 204 -4.34 -9.46 15.67
C LEU B 204 -4.70 -9.25 14.19
N SER B 205 -5.76 -9.94 13.78
CA SER B 205 -6.24 -9.84 12.42
C SER B 205 -6.50 -8.36 12.05
N ILE B 206 -7.17 -7.64 12.95
CA ILE B 206 -7.46 -6.20 12.73
C ILE B 206 -6.14 -5.44 12.62
N ALA B 207 -5.19 -5.84 13.45
CA ALA B 207 -3.86 -5.25 13.47
C ALA B 207 -3.25 -5.27 12.07
N PHE B 208 -3.28 -6.44 11.46
CA PHE B 208 -2.73 -6.62 10.14
C PHE B 208 -3.56 -5.96 9.04
N LEU B 209 -4.87 -5.90 9.24
CA LEU B 209 -5.72 -5.27 8.24
C LEU B 209 -5.40 -3.79 8.25
N TYR B 210 -5.29 -3.21 9.45
CA TYR B 210 -4.95 -1.80 9.58
C TYR B 210 -3.53 -1.59 9.08
N GLY B 211 -2.65 -2.52 9.43
CA GLY B 211 -1.26 -2.44 9.02
C GLY B 211 -1.07 -2.52 7.52
N SER B 212 -1.91 -3.29 6.83
CA SER B 212 -1.81 -3.41 5.39
C SER B 212 -2.09 -2.07 4.74
N ALA B 213 -3.07 -1.35 5.28
CA ALA B 213 -3.40 -0.04 4.74
C ALA B 213 -2.27 0.96 5.04
N LEU B 214 -1.70 0.86 6.23
CA LEU B 214 -0.60 1.74 6.63
C LEU B 214 0.64 1.51 5.75
N LEU B 215 0.98 0.23 5.55
CA LEU B 215 2.14 -0.14 4.75
C LEU B 215 1.99 0.21 3.27
N PHE B 216 0.85 -0.12 2.67
CA PHE B 216 0.68 0.21 1.26
C PHE B 216 0.65 1.73 1.08
N ALA B 217 0.11 2.46 2.05
CA ALA B 217 0.09 3.91 1.96
C ALA B 217 1.55 4.36 1.99
N MET B 218 2.33 3.77 2.88
CA MET B 218 3.75 4.10 3.02
C MET B 218 4.53 3.74 1.75
N HIS B 219 4.37 2.49 1.31
CA HIS B 219 5.09 2.02 0.13
C HIS B 219 4.69 2.72 -1.17
N GLY B 220 3.40 2.82 -1.41
CA GLY B 220 2.96 3.50 -2.62
C GLY B 220 3.45 4.94 -2.64
N ALA B 221 3.34 5.62 -1.51
CA ALA B 221 3.77 7.02 -1.45
C ALA B 221 5.28 7.15 -1.63
N THR B 222 6.02 6.18 -1.09
CA THR B 222 7.46 6.22 -1.21
C THR B 222 7.90 6.08 -2.66
N ILE B 223 7.41 5.04 -3.33
CA ILE B 223 7.75 4.82 -4.73
C ILE B 223 7.39 6.03 -5.61
N LEU B 224 6.26 6.66 -5.35
CA LEU B 224 5.90 7.83 -6.15
C LEU B 224 6.81 9.00 -5.83
N ALA B 225 7.26 9.08 -4.58
CA ALA B 225 8.15 10.17 -4.18
C ALA B 225 9.52 10.04 -4.85
N VAL B 226 9.92 8.82 -5.19
CA VAL B 226 11.21 8.61 -5.84
C VAL B 226 11.07 8.11 -7.27
N SER B 227 9.91 8.34 -7.87
CA SER B 227 9.71 7.91 -9.26
C SER B 227 10.50 8.87 -10.15
N ARG B 228 10.89 10.01 -9.60
CA ARG B 228 11.67 11.00 -10.36
C ARG B 228 13.10 10.50 -10.56
N PHE B 229 13.40 9.32 -10.01
CA PHE B 229 14.71 8.66 -10.14
C PHE B 229 14.45 7.22 -10.59
N GLY B 230 13.27 6.99 -11.19
CA GLY B 230 12.94 5.67 -11.69
C GLY B 230 12.71 4.60 -10.64
N GLY B 231 12.20 5.01 -9.49
CA GLY B 231 11.95 4.09 -8.41
C GLY B 231 10.99 2.92 -8.63
N GLU B 232 9.98 3.06 -9.49
CA GLU B 232 9.05 1.95 -9.70
C GLU B 232 9.65 0.74 -10.40
N ARG B 233 10.82 0.93 -11.01
CA ARG B 233 11.51 -0.19 -11.67
C ARG B 233 12.22 -0.96 -10.56
N GLU B 234 11.40 -1.46 -9.64
CA GLU B 234 11.85 -2.19 -8.47
C GLU B 234 12.80 -3.37 -8.72
N LEU B 235 12.59 -4.14 -9.78
CA LEU B 235 13.48 -5.27 -10.03
C LEU B 235 14.95 -4.92 -10.35
N GLU B 236 15.16 -3.90 -11.16
CA GLU B 236 16.51 -3.47 -11.52
C GLU B 236 17.19 -2.78 -10.35
N GLN B 237 16.40 -2.11 -9.50
CA GLN B 237 16.92 -1.43 -8.32
C GLN B 237 17.38 -2.49 -7.31
N ILE B 238 16.80 -3.68 -7.40
CA ILE B 238 17.19 -4.79 -6.53
C ILE B 238 18.53 -5.31 -7.02
N ALA B 239 18.66 -5.43 -8.33
CA ALA B 239 19.87 -5.94 -8.95
C ALA B 239 21.02 -4.93 -9.01
N ASP B 240 20.69 -3.65 -9.04
CA ASP B 240 21.72 -2.62 -9.12
C ASP B 240 21.16 -1.34 -8.50
N ARG B 241 21.29 -1.25 -7.19
CA ARG B 241 20.79 -0.12 -6.38
C ARG B 241 21.08 1.26 -6.92
N GLY B 242 20.03 2.06 -7.04
CA GLY B 242 20.17 3.42 -7.55
C GLY B 242 19.92 4.44 -6.47
N THR B 243 19.95 5.72 -6.82
CA THR B 243 19.73 6.76 -5.82
C THR B 243 18.28 6.75 -5.34
N ALA B 244 17.38 6.20 -6.16
CA ALA B 244 15.98 6.11 -5.78
C ALA B 244 15.84 5.20 -4.56
N ALA B 245 16.55 4.08 -4.57
CA ALA B 245 16.51 3.13 -3.46
C ALA B 245 17.18 3.67 -2.20
N GLU B 246 18.25 4.43 -2.39
CA GLU B 246 18.97 4.99 -1.25
C GLU B 246 18.16 6.09 -0.57
N ARG B 247 17.56 6.97 -1.37
CA ARG B 247 16.77 8.06 -0.82
C ARG B 247 15.53 7.50 -0.13
N ALA B 248 14.92 6.47 -0.73
CA ALA B 248 13.75 5.85 -0.15
C ALA B 248 14.10 5.29 1.23
N ALA B 249 15.23 4.60 1.32
CA ALA B 249 15.67 4.01 2.59
C ALA B 249 16.02 5.07 3.62
N LEU B 250 16.71 6.13 3.19
CA LEU B 250 17.11 7.17 4.10
C LEU B 250 15.96 8.01 4.62
N PHE B 251 14.91 8.13 3.83
CA PHE B 251 13.76 8.88 4.30
C PHE B 251 13.23 8.19 5.55
N TRP B 252 13.03 6.88 5.46
CA TRP B 252 12.50 6.14 6.58
C TRP B 252 13.47 5.94 7.73
N ARG B 253 14.76 5.93 7.42
CA ARG B 253 15.74 5.77 8.47
C ARG B 253 15.81 7.04 9.30
N TRP B 254 15.77 8.20 8.65
CA TRP B 254 15.82 9.48 9.33
C TRP B 254 14.53 9.78 10.08
N THR B 255 13.43 9.19 9.60
CA THR B 255 12.12 9.40 10.22
C THR B 255 11.88 8.50 11.44
N MET B 256 11.99 7.19 11.26
CA MET B 256 11.72 6.25 12.34
C MET B 256 12.87 5.40 12.86
N GLY B 257 14.09 5.67 12.44
CA GLY B 257 15.20 4.91 12.96
C GLY B 257 15.66 3.65 12.24
N PHE B 258 14.85 3.13 11.34
CA PHE B 258 15.28 1.95 10.60
C PHE B 258 14.65 1.95 9.22
N ASN B 259 15.06 1.01 8.37
CA ASN B 259 14.56 0.98 7.01
C ASN B 259 14.61 -0.38 6.37
N ALA B 260 14.11 -0.42 5.14
CA ALA B 260 14.07 -1.65 4.38
C ALA B 260 14.94 -1.51 3.11
N THR B 261 14.92 -2.55 2.29
CA THR B 261 15.63 -2.55 1.01
C THR B 261 14.54 -2.68 -0.05
N MET B 262 14.89 -2.47 -1.30
CA MET B 262 13.91 -2.58 -2.37
C MET B 262 13.27 -3.98 -2.37
N GLU B 263 14.06 -5.03 -2.12
CA GLU B 263 13.47 -6.36 -2.08
C GLU B 263 12.78 -6.58 -0.74
N GLY B 264 13.46 -6.22 0.35
CA GLY B 264 12.89 -6.39 1.68
C GLY B 264 11.50 -5.83 1.93
N ILE B 265 11.23 -4.62 1.46
CA ILE B 265 9.92 -4.01 1.67
C ILE B 265 8.80 -4.90 1.13
N HIS B 266 9.09 -5.68 0.10
CA HIS B 266 8.06 -6.54 -0.47
C HIS B 266 7.84 -7.80 0.36
N ARG B 267 8.81 -8.14 1.18
CA ARG B 267 8.66 -9.29 2.07
C ARG B 267 7.78 -8.84 3.23
N TRP B 268 7.97 -7.60 3.66
CA TRP B 268 7.16 -7.03 4.74
C TRP B 268 5.72 -7.00 4.23
N ALA B 269 5.56 -6.53 3.00
CA ALA B 269 4.23 -6.42 2.37
C ALA B 269 3.48 -7.74 2.25
N ILE B 270 4.12 -8.73 1.66
CA ILE B 270 3.48 -10.02 1.46
C ILE B 270 3.01 -10.61 2.80
N TRP B 271 3.81 -10.48 3.85
CA TRP B 271 3.43 -11.04 5.16
C TRP B 271 2.36 -10.25 5.93
N MET B 272 2.47 -8.93 5.92
CA MET B 272 1.50 -8.09 6.59
C MET B 272 0.09 -8.43 6.10
N ALA B 273 -0.05 -8.63 4.80
CA ALA B 273 -1.34 -8.94 4.20
C ALA B 273 -1.75 -10.39 4.46
N VAL B 274 -0.83 -11.31 4.22
CA VAL B 274 -1.08 -12.72 4.42
C VAL B 274 -1.54 -13.04 5.84
N LEU B 275 -0.95 -12.37 6.83
CA LEU B 275 -1.31 -12.60 8.23
C LEU B 275 -2.74 -12.20 8.61
N VAL B 276 -3.32 -11.28 7.84
CA VAL B 276 -4.69 -10.85 8.09
C VAL B 276 -5.63 -12.06 8.13
N THR B 277 -5.68 -12.79 7.03
CA THR B 277 -6.54 -13.98 6.93
C THR B 277 -5.97 -15.22 7.61
N LEU B 278 -4.66 -15.23 7.85
CA LEU B 278 -4.06 -16.39 8.50
C LEU B 278 -4.53 -16.46 9.97
N THR B 279 -4.33 -15.36 10.70
CA THR B 279 -4.75 -15.28 12.10
C THR B 279 -6.28 -15.26 12.16
N GLY B 280 -6.90 -14.63 11.17
CA GLY B 280 -8.36 -14.59 11.13
C GLY B 280 -8.98 -15.98 11.10
N GLY B 281 -8.47 -16.85 10.22
CA GLY B 281 -9.01 -18.19 10.11
C GLY B 281 -8.84 -19.00 11.39
N ILE B 282 -7.74 -18.78 12.08
CA ILE B 282 -7.47 -19.46 13.33
C ILE B 282 -8.49 -19.00 14.38
N GLY B 283 -8.73 -17.69 14.44
CA GLY B 283 -9.67 -17.15 15.39
C GLY B 283 -11.09 -17.65 15.20
N ILE B 284 -11.49 -17.84 13.95
CA ILE B 284 -12.83 -18.31 13.65
C ILE B 284 -12.95 -19.82 13.88
N LEU B 285 -11.87 -20.53 13.57
CA LEU B 285 -11.87 -21.98 13.72
C LEU B 285 -12.04 -22.38 15.17
N LEU B 286 -11.42 -21.61 16.07
CA LEU B 286 -11.48 -21.90 17.51
C LEU B 286 -12.80 -21.49 18.14
N SER B 287 -13.59 -20.69 17.44
CA SER B 287 -14.88 -20.23 17.97
C SER B 287 -16.01 -21.25 17.86
N GLY B 288 -16.52 -21.68 19.02
CA GLY B 288 -17.61 -22.64 19.04
C GLY B 288 -17.12 -24.08 19.04
N THR B 289 -15.84 -24.28 18.82
CA THR B 289 -15.31 -25.65 18.81
C THR B 289 -14.48 -25.87 20.07
N VAL B 290 -13.73 -24.85 20.45
CA VAL B 290 -12.88 -24.91 21.62
C VAL B 290 -13.29 -23.84 22.62
N VAL B 291 -13.70 -22.67 22.12
CA VAL B 291 -14.12 -21.56 22.97
C VAL B 291 -15.55 -21.14 22.63
N ASP B 292 -16.42 -21.21 23.64
CA ASP B 292 -17.84 -20.86 23.48
C ASP B 292 -18.09 -19.39 23.72
N ASN B 293 -17.29 -18.81 24.58
CA ASN B 293 -17.47 -17.41 24.93
C ASN B 293 -16.11 -16.75 25.13
N TRP B 294 -15.77 -15.81 24.26
CA TRP B 294 -14.48 -15.16 24.38
C TRP B 294 -14.32 -14.29 25.62
N TYR B 295 -15.44 -13.77 26.12
CA TYR B 295 -15.40 -12.94 27.33
C TYR B 295 -14.96 -13.82 28.50
N VAL B 296 -15.64 -14.95 28.64
CA VAL B 296 -15.36 -15.92 29.69
C VAL B 296 -13.92 -16.36 29.58
N TRP B 297 -13.53 -16.81 28.38
CA TRP B 297 -12.17 -17.27 28.13
C TRP B 297 -11.18 -16.19 28.55
N GLY B 298 -11.47 -14.95 28.20
CA GLY B 298 -10.59 -13.85 28.56
C GLY B 298 -10.40 -13.67 30.05
N GLN B 299 -11.38 -14.11 30.84
CA GLN B 299 -11.31 -13.99 32.30
C GLN B 299 -10.37 -15.02 32.91
N ASN B 300 -10.21 -16.14 32.22
CA ASN B 300 -9.37 -17.22 32.70
C ASN B 300 -8.12 -17.44 31.87
N HIS B 301 -8.30 -17.44 30.54
CA HIS B 301 -7.25 -17.69 29.57
C HIS B 301 -7.07 -19.21 29.54
N GLY B 302 -8.19 -19.92 29.42
CA GLY B 302 -8.17 -21.37 29.39
C GLY B 302 -9.48 -21.94 29.88
N ASP C 11 -5.45 -24.59 27.82
CA ASP C 11 -6.36 -25.05 26.72
C ASP C 11 -5.76 -24.74 25.35
N LEU C 12 -6.31 -25.38 24.33
CA LEU C 12 -5.85 -25.22 22.96
C LEU C 12 -5.69 -23.77 22.52
N ALA C 13 -6.68 -22.93 22.82
CA ALA C 13 -6.62 -21.52 22.43
C ALA C 13 -5.39 -20.81 23.01
N SER C 14 -5.08 -21.08 24.27
CA SER C 14 -3.92 -20.47 24.88
C SER C 14 -2.65 -20.94 24.19
N LEU C 15 -2.58 -22.24 23.91
CA LEU C 15 -1.41 -22.80 23.24
C LEU C 15 -1.21 -22.15 21.88
N ALA C 16 -2.30 -22.04 21.12
CA ALA C 16 -2.26 -21.45 19.79
C ALA C 16 -1.75 -20.01 19.78
N ILE C 17 -2.22 -19.21 20.71
CA ILE C 17 -1.80 -17.81 20.75
C ILE C 17 -0.37 -17.60 21.24
N TYR C 18 0.12 -18.45 22.14
CA TYR C 18 1.50 -18.29 22.63
C TYR C 18 2.46 -18.69 21.54
N SER C 19 2.15 -19.78 20.86
CA SER C 19 3.01 -20.24 19.80
C SER C 19 2.96 -19.28 18.62
N PHE C 20 1.89 -18.51 18.51
CA PHE C 20 1.79 -17.54 17.41
C PHE C 20 2.76 -16.38 17.66
N TRP C 21 2.88 -15.97 18.92
CA TRP C 21 3.77 -14.88 19.27
C TRP C 21 5.21 -15.29 19.06
N ILE C 22 5.49 -16.58 19.24
CA ILE C 22 6.84 -17.07 19.05
C ILE C 22 7.12 -17.08 17.56
N PHE C 23 6.12 -17.50 16.79
CA PHE C 23 6.26 -17.52 15.35
C PHE C 23 6.51 -16.10 14.85
N LEU C 24 5.70 -15.18 15.31
CA LEU C 24 5.81 -13.78 14.92
C LEU C 24 7.18 -13.18 15.25
N ALA C 25 7.77 -13.61 16.37
CA ALA C 25 9.07 -13.11 16.77
C ALA C 25 10.14 -13.58 15.79
N GLY C 26 10.01 -14.82 15.33
CA GLY C 26 10.96 -15.36 14.37
C GLY C 26 10.81 -14.69 13.01
N LEU C 27 9.58 -14.33 12.69
CA LEU C 27 9.28 -13.64 11.44
C LEU C 27 9.93 -12.24 11.42
N ILE C 28 9.74 -11.48 12.48
CA ILE C 28 10.34 -10.14 12.56
C ILE C 28 11.86 -10.23 12.44
N TYR C 29 12.44 -11.25 13.07
CA TYR C 29 13.87 -11.45 13.03
C TYR C 29 14.30 -11.68 11.58
N TYR C 30 13.64 -12.63 10.94
CA TYR C 30 13.89 -12.96 9.55
C TYR C 30 13.75 -11.71 8.68
N LEU C 31 12.62 -11.02 8.82
CA LEU C 31 12.37 -9.82 8.03
C LEU C 31 13.40 -8.72 8.23
N GLN C 32 13.82 -8.48 9.47
CA GLN C 32 14.79 -7.42 9.69
C GLN C 32 16.15 -7.75 9.11
N THR C 33 16.60 -9.00 9.24
CA THR C 33 17.90 -9.36 8.69
C THR C 33 17.87 -9.34 7.16
N GLU C 34 16.72 -9.73 6.58
CA GLU C 34 16.60 -9.69 5.13
C GLU C 34 16.77 -8.27 4.63
N ASN C 35 16.34 -7.30 5.42
CA ASN C 35 16.46 -5.89 5.05
C ASN C 35 17.81 -5.25 5.38
N MET C 36 18.78 -6.10 5.68
CA MET C 36 20.12 -5.63 5.98
C MET C 36 21.10 -6.03 4.87
N ARG C 37 20.56 -6.48 3.74
CA ARG C 37 21.39 -6.92 2.63
C ARG C 37 22.04 -5.76 1.86
N GLU C 38 21.72 -4.53 2.24
CA GLU C 38 22.31 -3.35 1.59
C GLU C 38 22.53 -2.26 2.61
N GLY C 39 23.66 -1.56 2.51
CA GLY C 39 23.95 -0.47 3.44
C GLY C 39 24.75 -0.85 4.66
N TYR C 40 24.85 -2.15 4.94
CA TYR C 40 25.59 -2.64 6.09
C TYR C 40 26.92 -3.26 5.69
N PRO C 41 27.86 -3.30 6.64
CA PRO C 41 27.73 -2.83 8.02
C PRO C 41 27.67 -1.31 8.13
N LEU C 42 27.23 -0.82 9.27
CA LEU C 42 27.16 0.61 9.55
C LEU C 42 28.58 1.15 9.65
N GLU C 43 28.72 2.45 9.42
CA GLU C 43 30.04 3.08 9.48
C GLU C 43 30.00 4.37 10.26
N ASN C 44 31.18 4.85 10.63
CA ASN C 44 31.31 6.12 11.32
C ASN C 44 31.39 7.11 10.17
N GLU C 45 31.31 8.40 10.46
CA GLU C 45 31.34 9.38 9.40
C GLU C 45 32.61 9.35 8.55
N ASP C 46 33.68 8.74 9.07
CA ASP C 46 34.92 8.67 8.32
C ASP C 46 35.01 7.44 7.44
N GLY C 47 33.94 6.64 7.43
CA GLY C 47 33.92 5.45 6.60
C GLY C 47 34.39 4.16 7.25
N THR C 48 34.80 4.22 8.51
CA THR C 48 35.25 3.02 9.21
C THR C 48 34.07 2.33 9.85
N PRO C 49 34.18 1.02 10.10
CA PRO C 49 33.10 0.25 10.73
C PRO C 49 32.72 0.76 12.10
N ALA C 50 31.44 1.00 12.31
CA ALA C 50 30.97 1.49 13.60
C ALA C 50 31.08 0.35 14.61
N ALA C 51 31.26 0.71 15.87
CA ALA C 51 31.40 -0.27 16.93
C ALA C 51 30.10 -1.03 17.13
N ASN C 52 29.02 -0.29 17.32
CA ASN C 52 27.73 -0.92 17.52
C ASN C 52 26.97 -1.12 16.22
N GLN C 53 26.75 -2.37 15.85
CA GLN C 53 26.04 -2.72 14.63
C GLN C 53 24.56 -3.06 14.87
N GLY C 54 24.16 -3.06 16.14
CA GLY C 54 22.78 -3.39 16.48
C GLY C 54 22.67 -4.83 16.94
N PRO C 55 21.48 -5.29 17.33
CA PRO C 55 21.29 -6.67 17.79
C PRO C 55 21.22 -7.74 16.70
N PHE C 56 20.82 -7.34 15.49
CA PHE C 56 20.69 -8.28 14.38
C PHE C 56 21.99 -8.48 13.60
N PRO C 57 22.35 -9.75 13.33
CA PRO C 57 23.57 -10.05 12.57
C PRO C 57 23.30 -9.98 11.06
N LEU C 58 24.34 -9.83 10.25
CA LEU C 58 24.16 -9.79 8.80
C LEU C 58 23.68 -11.15 8.32
N PRO C 59 22.75 -11.16 7.35
CA PRO C 59 22.27 -12.45 6.85
C PRO C 59 23.31 -13.13 5.98
N LYS C 60 23.16 -14.43 5.75
CA LYS C 60 24.10 -15.15 4.90
C LYS C 60 23.84 -14.65 3.48
N PRO C 61 24.90 -14.46 2.69
CA PRO C 61 24.80 -13.99 1.31
C PRO C 61 23.84 -14.76 0.42
N LYS C 62 23.22 -14.04 -0.50
CA LYS C 62 22.31 -14.65 -1.47
C LYS C 62 22.82 -14.16 -2.81
N THR C 63 22.61 -14.95 -3.86
CA THR C 63 23.07 -14.56 -5.17
C THR C 63 21.98 -14.53 -6.23
N PHE C 64 21.92 -13.42 -6.94
CA PHE C 64 20.93 -13.25 -8.00
C PHE C 64 21.64 -13.55 -9.31
N ILE C 65 20.97 -14.28 -10.19
CA ILE C 65 21.53 -14.58 -11.52
C ILE C 65 20.84 -13.56 -12.44
N LEU C 66 21.57 -12.55 -12.88
CA LEU C 66 21.00 -11.53 -13.76
C LEU C 66 20.76 -12.14 -15.14
N PRO C 67 19.68 -11.73 -15.83
CA PRO C 67 19.41 -12.28 -17.15
C PRO C 67 20.32 -11.67 -18.22
N HIS C 68 20.23 -12.20 -19.44
CA HIS C 68 21.00 -11.72 -20.58
C HIS C 68 22.52 -11.75 -20.38
N GLY C 69 22.99 -12.80 -19.72
CA GLY C 69 24.42 -12.97 -19.49
C GLY C 69 25.14 -11.87 -18.73
N ARG C 70 24.39 -11.03 -18.02
CA ARG C 70 25.02 -9.94 -17.28
C ARG C 70 25.66 -10.33 -15.96
N GLY C 71 25.72 -11.63 -15.69
CA GLY C 71 26.37 -12.09 -14.48
C GLY C 71 25.54 -12.37 -13.24
N THR C 72 26.15 -12.17 -12.09
CA THR C 72 25.49 -12.39 -10.81
C THR C 72 25.66 -11.22 -9.85
N LEU C 73 24.84 -11.21 -8.81
CA LEU C 73 24.89 -10.20 -7.76
C LEU C 73 24.82 -10.95 -6.44
N THR C 74 25.70 -10.62 -5.52
CA THR C 74 25.69 -11.29 -4.23
C THR C 74 25.62 -10.26 -3.12
N VAL C 75 24.60 -10.38 -2.29
CA VAL C 75 24.39 -9.46 -1.16
C VAL C 75 24.04 -10.24 0.11
N PRO C 76 24.57 -9.79 1.25
CA PRO C 76 25.44 -8.61 1.33
C PRO C 76 26.83 -8.85 0.71
N GLY C 77 27.48 -7.75 0.33
CA GLY C 77 28.80 -7.84 -0.27
C GLY C 77 29.55 -6.52 -0.11
N PRO C 78 30.80 -6.44 -0.59
CA PRO C 78 31.60 -5.21 -0.48
C PRO C 78 30.88 -3.94 -0.93
N GLU C 79 30.56 -3.09 0.04
CA GLU C 79 29.90 -1.82 -0.23
C GLU C 79 30.99 -0.78 -0.54
N SER C 80 30.78 0.03 -1.57
CA SER C 80 31.74 1.05 -1.95
C SER C 80 31.09 2.09 -2.85
N GLU C 81 31.26 3.37 -2.51
CA GLU C 81 30.68 4.45 -3.28
C GLU C 81 31.26 4.50 -4.70
N ASP C 82 32.51 4.06 -4.84
CA ASP C 82 33.20 4.05 -6.13
C ASP C 82 33.18 5.40 -6.81
N ARG C 83 33.37 6.46 -6.02
CA ARG C 83 33.40 7.82 -6.53
C ARG C 83 33.78 8.78 -5.41
N PRO C 84 34.42 9.90 -5.77
CA PRO C 84 34.84 10.90 -4.79
C PRO C 84 33.63 11.67 -4.26
N ILE C 85 33.68 12.04 -2.98
CA ILE C 85 32.58 12.78 -2.37
C ILE C 85 33.07 14.14 -1.87
N ALA C 86 32.71 15.18 -2.61
CA ALA C 86 33.12 16.54 -2.27
C ALA C 86 32.38 17.12 -1.07
N LEU C 87 32.68 16.61 0.12
CA LEU C 87 32.06 17.09 1.36
C LEU C 87 33.07 17.24 2.49
N ALA C 88 32.76 18.10 3.45
CA ALA C 88 33.61 18.31 4.60
C ALA C 88 32.76 18.54 5.83
N ARG C 89 33.25 18.09 6.98
CA ARG C 89 32.56 18.23 8.26
C ARG C 89 32.33 19.70 8.63
N THR C 90 31.28 19.96 9.42
CA THR C 90 30.98 21.31 9.85
C THR C 90 31.05 21.41 11.39
N ALA C 91 31.24 20.27 12.04
CA ALA C 91 31.30 20.20 13.48
C ALA C 91 32.38 19.22 13.91
N VAL C 92 32.86 19.34 15.13
CA VAL C 92 33.92 18.44 15.63
C VAL C 92 33.37 17.15 16.21
N SER C 93 32.05 16.99 16.15
CA SER C 93 31.41 15.79 16.67
C SER C 93 30.44 15.19 15.65
N GLU C 94 29.99 13.98 15.95
CA GLU C 94 29.06 13.27 15.08
C GLU C 94 27.66 13.85 15.04
N GLY C 95 26.93 13.58 13.96
CA GLY C 95 25.56 14.03 13.84
C GLY C 95 25.24 15.32 13.11
N PHE C 96 26.26 16.00 12.59
CA PHE C 96 25.99 17.25 11.91
C PHE C 96 26.12 17.18 10.40
N PRO C 97 25.54 18.17 9.72
CA PRO C 97 25.58 18.21 8.26
C PRO C 97 27.02 18.29 7.76
N HIS C 98 27.21 17.88 6.51
CA HIS C 98 28.51 17.91 5.86
C HIS C 98 28.29 18.86 4.70
N ALA C 99 29.11 19.90 4.63
CA ALA C 99 28.95 20.88 3.58
C ALA C 99 29.67 20.56 2.30
N PRO C 100 29.09 20.98 1.17
CA PRO C 100 29.68 20.76 -0.16
C PRO C 100 30.95 21.62 -0.25
N THR C 101 32.03 21.03 -0.71
CA THR C 101 33.29 21.76 -0.84
C THR C 101 33.34 22.51 -2.17
N GLY C 102 32.62 22.00 -3.17
CA GLY C 102 32.58 22.65 -4.47
C GLY C 102 31.16 23.03 -4.86
N ASP C 103 30.75 22.68 -6.08
CA ASP C 103 29.40 22.95 -6.57
C ASP C 103 28.62 21.66 -6.34
N PRO C 104 27.63 21.68 -5.43
CA PRO C 104 26.85 20.48 -5.15
C PRO C 104 26.19 19.83 -6.38
N MET C 105 25.78 20.66 -7.33
CA MET C 105 25.16 20.19 -8.57
C MET C 105 26.17 19.39 -9.40
N LYS C 106 27.34 19.98 -9.63
CA LYS C 106 28.38 19.33 -10.42
C LYS C 106 28.99 18.15 -9.70
N ASP C 107 29.22 18.30 -8.39
CA ASP C 107 29.82 17.23 -7.63
C ASP C 107 28.93 16.04 -7.33
N GLY C 108 27.63 16.22 -7.47
CA GLY C 108 26.71 15.11 -7.23
C GLY C 108 26.59 14.68 -5.79
N VAL C 109 26.30 15.65 -4.91
CA VAL C 109 26.12 15.39 -3.48
C VAL C 109 24.79 15.97 -3.01
N GLY C 110 24.36 15.57 -1.82
CA GLY C 110 23.10 16.07 -1.31
C GLY C 110 21.92 15.62 -2.17
N PRO C 111 20.91 16.49 -2.36
CA PRO C 111 19.76 16.10 -3.19
C PRO C 111 20.13 15.90 -4.67
N ALA C 112 21.38 16.23 -5.02
CA ALA C 112 21.86 16.07 -6.39
C ALA C 112 22.71 14.80 -6.54
N SER C 113 22.70 13.94 -5.52
CA SER C 113 23.47 12.71 -5.55
C SER C 113 23.06 11.71 -6.61
N TRP C 114 24.02 10.92 -7.07
CA TRP C 114 23.76 9.87 -8.03
C TRP C 114 24.55 8.67 -7.54
N VAL C 115 24.14 7.47 -7.94
CA VAL C 115 24.84 6.26 -7.52
C VAL C 115 25.58 5.72 -8.74
N ALA C 116 26.71 5.07 -8.50
CA ALA C 116 27.50 4.50 -9.58
C ALA C 116 26.93 3.16 -10.02
N ARG C 117 25.81 3.19 -10.74
CA ARG C 117 25.17 1.97 -11.24
C ARG C 117 25.93 1.53 -12.51
N ARG C 118 25.69 0.31 -12.97
CA ARG C 118 26.37 -0.17 -14.16
C ARG C 118 26.13 0.77 -15.34
N ASP C 119 27.19 0.99 -16.11
CA ASP C 119 27.11 1.87 -17.27
C ASP C 119 26.57 1.11 -18.48
N LEU C 120 25.49 0.40 -18.28
CA LEU C 120 24.82 -0.37 -19.33
C LEU C 120 23.35 0.03 -19.29
N PRO C 121 22.62 -0.15 -20.40
CA PRO C 121 21.20 0.24 -20.35
C PRO C 121 20.38 -0.93 -19.78
N GLU C 122 19.17 -0.64 -19.32
CA GLU C 122 18.32 -1.70 -18.80
C GLU C 122 17.74 -2.42 -20.01
N LEU C 123 17.60 -3.74 -19.96
CA LEU C 123 17.07 -4.50 -21.08
C LEU C 123 15.69 -5.05 -20.77
N ASP C 124 14.88 -5.29 -21.80
CA ASP C 124 13.55 -5.84 -21.59
C ASP C 124 13.65 -7.36 -21.54
N GLY C 125 12.50 -8.03 -21.48
CA GLY C 125 12.51 -9.48 -21.41
C GLY C 125 13.13 -10.18 -22.61
N HIS C 126 13.32 -9.44 -23.70
CA HIS C 126 13.90 -10.03 -24.90
C HIS C 126 15.36 -9.66 -25.13
N GLY C 127 15.92 -8.84 -24.25
CA GLY C 127 17.31 -8.47 -24.40
C GLY C 127 17.54 -7.16 -25.13
N HIS C 128 16.46 -6.45 -25.46
CA HIS C 128 16.56 -5.17 -26.16
C HIS C 128 16.52 -3.99 -25.19
N ASN C 129 17.15 -2.88 -25.56
CA ASN C 129 17.15 -1.70 -24.71
C ASN C 129 15.72 -1.34 -24.30
N LYS C 130 15.48 -1.35 -23.00
CA LYS C 130 14.16 -1.03 -22.45
C LYS C 130 13.65 0.35 -22.87
N ILE C 131 14.54 1.34 -22.86
CA ILE C 131 14.18 2.72 -23.21
C ILE C 131 14.81 3.18 -24.53
N LYS C 132 14.00 3.70 -25.43
CA LYS C 132 14.47 4.20 -26.74
C LYS C 132 13.76 5.48 -27.12
N PRO C 133 14.44 6.35 -27.88
CA PRO C 133 13.75 7.59 -28.28
C PRO C 133 12.61 7.12 -29.20
N MET C 134 11.50 7.85 -29.23
CA MET C 134 10.36 7.41 -30.02
C MET C 134 10.65 7.31 -31.53
N LYS C 135 11.46 8.21 -32.06
CA LYS C 135 11.79 8.19 -33.49
C LYS C 135 12.34 6.82 -33.88
N ALA C 136 13.01 6.16 -32.96
CA ALA C 136 13.59 4.85 -33.23
C ALA C 136 12.72 3.69 -32.73
N ALA C 137 11.49 3.98 -32.32
CA ALA C 137 10.59 2.94 -31.83
C ALA C 137 9.41 2.75 -32.77
N ALA C 138 9.52 1.75 -33.64
CA ALA C 138 8.50 1.45 -34.62
C ALA C 138 7.13 1.24 -34.02
N GLY C 139 6.14 1.98 -34.52
CA GLY C 139 4.79 1.81 -34.04
C GLY C 139 4.36 2.75 -32.93
N PHE C 140 5.31 3.24 -32.16
CA PHE C 140 4.97 4.13 -31.05
C PHE C 140 4.60 5.53 -31.48
N HIS C 141 3.55 6.04 -30.85
CA HIS C 141 3.01 7.37 -31.12
C HIS C 141 2.24 7.85 -29.90
N VAL C 142 2.08 9.15 -29.78
CA VAL C 142 1.33 9.73 -28.67
C VAL C 142 -0.14 9.40 -28.93
N SER C 143 -0.74 8.61 -28.05
CA SER C 143 -2.14 8.23 -28.21
C SER C 143 -3.12 9.05 -27.41
N ALA C 144 -2.64 9.83 -26.45
CA ALA C 144 -3.55 10.65 -25.64
C ALA C 144 -2.78 11.72 -24.90
N GLY C 145 -3.47 12.84 -24.62
CA GLY C 145 -2.83 13.94 -23.92
C GLY C 145 -2.06 14.78 -24.91
N LYS C 146 -1.72 16.00 -24.51
CA LYS C 146 -0.97 16.93 -25.34
C LYS C 146 0.40 16.36 -25.75
N ASN C 147 0.71 16.40 -27.03
CA ASN C 147 2.00 15.91 -27.52
C ASN C 147 3.01 17.03 -27.22
N PRO C 148 4.04 16.73 -26.41
CA PRO C 148 5.05 17.73 -26.05
C PRO C 148 6.07 18.07 -27.14
N ILE C 149 6.30 17.13 -28.06
CA ILE C 149 7.26 17.33 -29.14
C ILE C 149 6.98 18.61 -29.89
N GLY C 150 7.98 19.49 -29.91
CA GLY C 150 7.84 20.76 -30.60
C GLY C 150 7.63 21.95 -29.67
N LEU C 151 7.29 21.68 -28.42
CA LEU C 151 7.04 22.76 -27.46
C LEU C 151 8.32 23.35 -26.87
N PRO C 152 8.29 24.66 -26.57
CA PRO C 152 9.45 25.33 -25.99
C PRO C 152 9.50 24.92 -24.52
N VAL C 153 10.70 24.85 -23.96
CA VAL C 153 10.87 24.47 -22.57
C VAL C 153 11.30 25.67 -21.73
N ARG C 154 10.54 25.92 -20.67
CA ARG C 154 10.80 27.06 -19.79
C ARG C 154 11.32 26.61 -18.42
N GLY C 155 12.26 27.36 -17.86
CA GLY C 155 12.81 27.02 -16.55
C GLY C 155 12.08 27.78 -15.45
N CYS C 156 12.47 27.55 -14.20
CA CYS C 156 11.84 28.20 -13.06
C CYS C 156 12.06 29.71 -13.09
N ASP C 157 13.02 30.17 -13.88
CA ASP C 157 13.30 31.59 -13.99
C ASP C 157 12.49 32.18 -15.13
N LEU C 158 11.47 31.44 -15.54
CA LEU C 158 10.57 31.85 -16.63
C LEU C 158 11.26 32.23 -17.94
N GLU C 159 12.43 31.66 -18.17
CA GLU C 159 13.18 31.93 -19.40
C GLU C 159 13.16 30.65 -20.25
N ILE C 160 13.16 30.79 -21.56
CA ILE C 160 13.14 29.62 -22.44
C ILE C 160 14.53 29.00 -22.58
N ALA C 161 14.64 27.71 -22.28
CA ALA C 161 15.92 27.02 -22.34
C ALA C 161 16.08 26.13 -23.57
N GLY C 162 14.98 25.79 -24.22
CA GLY C 162 15.07 24.94 -25.40
C GLY C 162 13.72 24.49 -25.93
N LYS C 163 13.73 23.42 -26.71
CA LYS C 163 12.50 22.87 -27.27
C LYS C 163 12.56 21.36 -27.27
N VAL C 164 11.41 20.73 -27.10
CA VAL C 164 11.36 19.28 -27.09
C VAL C 164 11.47 18.76 -28.51
N VAL C 165 12.40 17.83 -28.74
CA VAL C 165 12.57 17.29 -30.07
C VAL C 165 12.18 15.82 -30.14
N ASP C 166 11.90 15.22 -28.98
CA ASP C 166 11.46 13.82 -28.96
C ASP C 166 11.07 13.34 -27.55
N ILE C 167 10.48 12.15 -27.51
CA ILE C 167 10.04 11.52 -26.27
C ILE C 167 10.73 10.15 -26.20
N TRP C 168 11.42 9.89 -25.10
CA TRP C 168 12.08 8.59 -24.93
C TRP C 168 11.06 7.72 -24.21
N VAL C 169 10.77 6.56 -24.76
CA VAL C 169 9.76 5.73 -24.17
C VAL C 169 10.23 4.37 -23.66
N ASP C 170 9.47 3.84 -22.72
CA ASP C 170 9.71 2.54 -22.13
C ASP C 170 8.88 1.63 -23.05
N ILE C 171 9.55 0.84 -23.87
CA ILE C 171 8.85 -0.02 -24.81
C ILE C 171 7.97 -1.12 -24.18
N PRO C 172 8.55 -1.95 -23.30
CA PRO C 172 7.74 -3.01 -22.68
C PRO C 172 6.59 -2.54 -21.78
N GLU C 173 6.71 -1.33 -21.26
CA GLU C 173 5.66 -0.80 -20.39
C GLU C 173 4.91 0.34 -21.05
N GLN C 174 5.20 0.57 -22.33
CA GLN C 174 4.54 1.62 -23.13
C GLN C 174 4.31 2.85 -22.28
N MET C 175 5.41 3.50 -21.91
CA MET C 175 5.33 4.65 -21.04
C MET C 175 6.37 5.71 -21.40
N ALA C 176 6.03 6.97 -21.24
CA ALA C 176 6.98 8.03 -21.54
C ALA C 176 7.87 8.25 -20.31
N ARG C 177 9.19 8.17 -20.48
CA ARG C 177 10.09 8.36 -19.34
C ARG C 177 10.93 9.63 -19.37
N PHE C 178 11.33 10.06 -20.57
CA PHE C 178 12.13 11.27 -20.71
C PHE C 178 11.70 12.11 -21.90
N LEU C 179 12.03 13.38 -21.85
CA LEU C 179 11.76 14.28 -22.95
C LEU C 179 13.15 14.70 -23.40
N GLU C 180 13.43 14.61 -24.70
CA GLU C 180 14.73 15.04 -25.19
C GLU C 180 14.59 16.50 -25.55
N VAL C 181 15.42 17.35 -24.96
CA VAL C 181 15.33 18.79 -25.23
C VAL C 181 16.54 19.29 -25.98
N GLU C 182 16.31 20.12 -26.99
CA GLU C 182 17.40 20.69 -27.77
C GLU C 182 17.74 22.06 -27.18
N LEU C 183 19.03 22.28 -26.94
CA LEU C 183 19.49 23.54 -26.35
C LEU C 183 19.92 24.55 -27.40
N LYS C 184 20.06 25.80 -26.98
CA LYS C 184 20.46 26.91 -27.84
C LYS C 184 21.65 26.58 -28.74
N ASP C 185 22.55 25.74 -28.26
CA ASP C 185 23.75 25.38 -29.01
C ASP C 185 23.58 24.17 -29.93
N GLY C 186 22.35 23.69 -30.06
CA GLY C 186 22.11 22.54 -30.94
C GLY C 186 22.27 21.19 -30.30
N SER C 187 22.80 21.13 -29.08
CA SER C 187 22.95 19.85 -28.41
C SER C 187 21.66 19.57 -27.64
N THR C 188 21.49 18.32 -27.22
CA THR C 188 20.30 17.95 -26.48
C THR C 188 20.62 17.36 -25.12
N ARG C 189 19.58 17.30 -24.28
CA ARG C 189 19.65 16.74 -22.93
C ARG C 189 18.35 15.99 -22.67
N LEU C 190 18.37 15.10 -21.68
CA LEU C 190 17.17 14.37 -21.31
C LEU C 190 16.62 14.95 -20.02
N LEU C 191 15.30 15.01 -19.93
CA LEU C 191 14.62 15.54 -18.76
C LEU C 191 13.66 14.47 -18.29
N PRO C 192 13.67 14.13 -16.99
CA PRO C 192 12.76 13.10 -16.45
C PRO C 192 11.31 13.53 -16.65
N MET C 193 10.48 12.62 -17.13
CA MET C 193 9.09 12.92 -17.36
C MET C 193 8.38 13.39 -16.07
N GLN C 194 8.77 12.80 -14.94
CA GLN C 194 8.18 13.13 -13.64
C GLN C 194 8.52 14.50 -13.10
N MET C 195 9.48 15.18 -13.72
CA MET C 195 9.89 16.50 -13.25
C MET C 195 9.46 17.64 -14.16
N VAL C 196 8.58 17.38 -15.11
CA VAL C 196 8.13 18.43 -16.02
C VAL C 196 6.62 18.57 -16.00
N LYS C 197 6.15 19.76 -16.37
CA LYS C 197 4.73 20.02 -16.41
C LYS C 197 4.37 20.40 -17.84
N VAL C 198 3.72 19.49 -18.54
CA VAL C 198 3.33 19.72 -19.92
C VAL C 198 2.09 20.60 -19.96
N GLN C 199 2.20 21.78 -20.55
CA GLN C 199 1.05 22.68 -20.66
C GLN C 199 0.65 22.83 -22.12
N SER C 200 -0.43 23.55 -22.36
CA SER C 200 -0.92 23.71 -23.73
C SER C 200 0.08 24.31 -24.71
N ASN C 201 0.81 25.34 -24.27
CA ASN C 201 1.75 26.00 -25.16
C ASN C 201 3.20 25.91 -24.73
N ARG C 202 3.49 25.14 -23.69
CA ARG C 202 4.87 25.01 -23.25
C ARG C 202 5.06 23.88 -22.25
N VAL C 203 6.31 23.58 -21.95
CA VAL C 203 6.66 22.56 -20.97
C VAL C 203 7.40 23.34 -19.90
N HIS C 204 6.90 23.28 -18.67
CA HIS C 204 7.51 24.00 -17.58
C HIS C 204 8.36 23.10 -16.67
N VAL C 205 9.56 23.55 -16.37
CA VAL C 205 10.47 22.82 -15.51
C VAL C 205 10.77 23.69 -14.30
N ASN C 206 10.15 23.34 -13.18
CA ASN C 206 10.32 24.11 -11.96
C ASN C 206 11.63 23.91 -11.21
N ALA C 207 12.22 22.73 -11.33
CA ALA C 207 13.47 22.42 -10.63
C ALA C 207 14.73 23.11 -11.14
N LEU C 208 14.74 23.54 -12.40
CA LEU C 208 15.92 24.20 -12.96
C LEU C 208 15.67 25.56 -13.57
N SER C 209 16.69 26.40 -13.53
CA SER C 209 16.61 27.72 -14.13
C SER C 209 17.28 27.55 -15.49
N SER C 210 16.84 28.34 -16.47
CA SER C 210 17.38 28.26 -17.83
C SER C 210 18.89 28.06 -17.94
N ASP C 211 19.65 28.79 -17.12
CA ASP C 211 21.11 28.67 -17.18
C ASP C 211 21.71 27.38 -16.60
N LEU C 212 20.87 26.47 -16.13
CA LEU C 212 21.39 25.24 -15.56
C LEU C 212 21.21 24.06 -16.48
N PHE C 213 20.43 24.23 -17.53
CA PHE C 213 20.17 23.16 -18.48
C PHE C 213 21.43 22.63 -19.16
N ALA C 214 22.37 23.52 -19.47
CA ALA C 214 23.60 23.10 -20.13
C ALA C 214 24.38 22.13 -19.24
N GLY C 215 24.22 22.30 -17.93
CA GLY C 215 24.92 21.46 -16.97
C GLY C 215 24.39 20.05 -16.84
N ILE C 216 23.19 19.80 -17.34
CA ILE C 216 22.62 18.46 -17.25
C ILE C 216 23.58 17.49 -17.91
N PRO C 217 23.95 16.41 -17.21
CA PRO C 217 24.86 15.41 -17.78
C PRO C 217 24.38 14.92 -19.13
N THR C 218 25.31 14.74 -20.07
CA THR C 218 24.99 14.28 -21.41
C THR C 218 25.22 12.78 -21.51
N ILE C 219 24.55 12.13 -22.46
CA ILE C 219 24.70 10.69 -22.66
C ILE C 219 25.72 10.43 -23.77
N LYS C 220 26.41 9.30 -23.72
CA LYS C 220 27.43 9.02 -24.73
C LYS C 220 26.92 8.51 -26.07
N SER C 221 25.75 7.89 -26.07
CA SER C 221 25.15 7.39 -27.31
C SER C 221 23.83 8.13 -27.48
N PRO C 222 23.49 8.53 -28.70
CA PRO C 222 22.24 9.25 -28.93
C PRO C 222 21.00 8.38 -28.97
N THR C 223 21.18 7.07 -28.94
CA THR C 223 20.03 6.18 -29.01
C THR C 223 19.82 5.31 -27.78
N GLU C 224 20.53 5.60 -26.72
CA GLU C 224 20.37 4.82 -25.51
C GLU C 224 20.91 5.49 -24.25
N VAL C 225 20.33 5.15 -23.11
CA VAL C 225 20.77 5.67 -21.82
C VAL C 225 21.16 4.50 -20.96
N THR C 226 22.22 4.67 -20.19
CA THR C 226 22.65 3.62 -19.29
C THR C 226 22.09 3.95 -17.91
N LEU C 227 22.02 2.95 -17.04
CA LEU C 227 21.53 3.16 -15.69
C LEU C 227 22.35 4.23 -15.00
N LEU C 228 23.65 4.23 -15.26
CA LEU C 228 24.53 5.23 -14.67
C LEU C 228 24.17 6.64 -15.12
N GLU C 229 23.83 6.80 -16.40
CA GLU C 229 23.48 8.12 -16.92
C GLU C 229 22.11 8.56 -16.42
N GLU C 230 21.20 7.61 -16.25
CA GLU C 230 19.87 7.94 -15.76
C GLU C 230 20.00 8.55 -14.36
N ASP C 231 20.80 7.90 -13.51
CA ASP C 231 21.00 8.38 -12.15
C ASP C 231 21.63 9.76 -12.07
N LYS C 232 22.63 10.02 -12.91
CA LYS C 232 23.28 11.33 -12.92
C LYS C 232 22.33 12.43 -13.40
N ILE C 233 21.52 12.11 -14.40
CA ILE C 233 20.56 13.07 -14.96
C ILE C 233 19.45 13.41 -13.95
N CYS C 234 18.82 12.37 -13.40
CA CYS C 234 17.75 12.55 -12.43
C CYS C 234 18.26 13.20 -11.14
N GLY C 235 19.42 12.75 -10.65
CA GLY C 235 19.96 13.35 -9.45
C GLY C 235 20.18 14.84 -9.66
N TYR C 236 20.81 15.19 -10.78
CA TYR C 236 21.09 16.58 -11.12
C TYR C 236 19.84 17.46 -11.16
N VAL C 237 18.80 16.98 -11.84
CA VAL C 237 17.55 17.72 -11.94
C VAL C 237 16.84 17.89 -10.60
N ALA C 238 16.81 16.83 -9.79
CA ALA C 238 16.17 16.89 -8.46
C ALA C 238 16.92 17.86 -7.58
N GLY C 239 18.25 17.88 -7.71
CA GLY C 239 19.09 18.76 -6.93
C GLY C 239 18.80 20.23 -7.16
N GLY C 240 18.22 20.55 -8.31
CA GLY C 240 17.90 21.94 -8.61
C GLY C 240 16.86 22.50 -7.64
N LEU C 241 15.99 21.64 -7.14
CA LEU C 241 14.96 22.08 -6.21
C LEU C 241 15.57 22.81 -5.01
N MET C 242 16.75 22.37 -4.57
CA MET C 242 17.39 23.03 -3.45
C MET C 242 18.46 24.02 -3.89
N TYR C 243 19.30 23.63 -4.83
CA TYR C 243 20.38 24.47 -5.27
C TYR C 243 20.08 25.55 -6.32
N ALA C 244 19.01 25.36 -7.09
CA ALA C 244 18.67 26.36 -8.10
C ALA C 244 17.84 27.46 -7.44
N ALA C 245 17.22 27.13 -6.31
CA ALA C 245 16.37 28.04 -5.54
C ALA C 245 16.73 29.53 -5.64
N PRO C 246 18.03 29.87 -5.60
CA PRO C 246 18.43 31.28 -5.69
C PRO C 246 18.15 31.91 -7.06
N LYS C 247 17.32 31.24 -7.87
CA LYS C 247 16.93 31.71 -9.21
C LYS C 247 15.46 31.41 -9.47
N ARG C 248 14.95 30.36 -8.83
CA ARG C 248 13.55 29.97 -8.99
C ARG C 248 12.64 30.96 -8.27
#